data_7OP1
#
_entry.id   7OP1
#
_cell.length_a   1.00
_cell.length_b   1.00
_cell.length_c   1.00
_cell.angle_alpha   90.00
_cell.angle_beta   90.00
_cell.angle_gamma   90.00
#
_symmetry.space_group_name_H-M   'P 1'
#
loop_
_entity.id
_entity.type
_entity.pdbx_description
1 polymer 'Cation-transporting ATPase'
2 non-polymer 'MAGNESIUM ION'
3 non-polymer 'TETRAFLUOROALUMINATE ION'
4 non-polymer SPERMINE
#
_entity_poly.entity_id   1
_entity_poly.type   'polypeptide(L)'
_entity_poly.pdbx_seq_one_letter_code
;MDGSRGTAPGGDDLRGDRRDSYQGEDREDSHLLGALEDGNHQQSQGHGGGSGFYHHNVNSSSASVLEGVEMAHDELFAGP
VAESVPTSVSAFSHRHGRAESVASFSFYHEQDDQREELEAPPGSLGARLSIDDLDELPFEEEGLSESEMPEQLDTFGIDL
EWGSMNNGYPLIRRSSTHSQFSAHHRLLRRESGVSAASGYTGGRSSQKMRLDNDDLTIAISGFITNRIGFAIYIVLCVLT
GGIAWLFLRWYPKYYVKLVGCATPFRDCQWVVIEDHFNKMTILSIRVKPYNRPLSTVFGTPSRATSWPLAQDPDPVLREL
RSITYCYYKFYYHPVLDKFFCCNGWKDPQWNSMQNARSGLHGDEKAHREAVFGPNSIDVDEQSILQLLVSEILTPFYAFQ
VFSLILWLCDEYYYYAAAILLISAGSIITSLLETKETRRRLREMSRFECEVRVFRGGFWRTFPSSDLVPGDVYEVSDPSL
TQIPADSLLLTGDCIVNESMLTGESVAVSKTPATNETLAKLNPAASTFSHDVDKHFLYCGTKLIRARQRLADTDEAAAVA
LVVRTGFNTTRGALVRSMLVPKPSKFKFYEDSFRYLKVMGCLAGLAFIVSLVNFIRLKLHWTLILLRALDLLTIVVPPAL
PATLTIGTSFAVQRLKGKKIFCTSPQRVNVGGKIDLMCFDKTGTLTEEGLDVLGIRVASRVSNRFTELLTNVDDLTWSCD
SVSNGDEVKPADHVDGSSLKKDKTKPLDPYRAALYVMASCHSLRIVDGVAVGDPLEVKMFEFTGWSYEEGFIAGEVISTE
GRGDISPSIARPPRYMTSQEMSIGEAPPAVGVLRAFDFNPLLRRSSVIARVVGNSGGYALVKGSPECMPEICRPETLPSD
FDELLSYYTHAGYRVIACATKRIPKLNLVSVNRMTRDEVESGLDFVGFIIFENKLKPTTTSVIKELLSSNIGTVMITGDN
IRTAVSVARQCGIIEEHAHCYMPRFIEGNADDCNAKLRWESINNPALELDPWTLLPMPVPPQTDASLPYDVSNIRNYAIA
VTGDVFRWIVDHAPTDVLHRMLVLGKVYARMSPDEKQELVKKFQSIDYSCGFCGDGANDCAALKAADVGISLSEAEASVA
APFTSQIFDIRCVPEVIREGRASLVTSFSCFKYMSLYSFIQFTSVSFLYVSASNLGDFQFLYIDLMLILPIAVFMSWAGP
HSKLCAKRPVSDLVSRKVLVPLLSHVFVCVMIQALAWVAVRQQPWYIPPIVDTEKSNIENSENTTLFFASCFEYILSGVV
LNAGRPFRQSPLETWPFLSAVAVTLIATLLMLLVPPYWLFEFMQLTWMSWTFKITLIAFGFVYFLIAWTGEHYLFLWLAR
FLGRMRQRLFKQPKQRKLYKIVKEKLVFENLYF
;
_entity_poly.pdbx_strand_id   A
#
loop_
_chem_comp.id
_chem_comp.type
_chem_comp.name
_chem_comp.formula
ALF non-polymer 'TETRAFLUOROALUMINATE ION' 'Al F4 -1'
MG non-polymer 'MAGNESIUM ION' 'Mg 2'
SPM non-polymer SPERMINE 'C10 H26 N4'
#
# COMPACT_ATOMS: atom_id res chain seq x y z
N GLY A 203 35.14 18.29 19.63
CA GLY A 203 34.67 17.14 18.88
C GLY A 203 33.19 16.87 19.09
N ARG A 204 32.42 16.98 18.01
CA ARG A 204 30.98 16.75 18.10
C ARG A 204 30.69 15.28 18.36
N SER A 205 29.67 15.03 19.19
CA SER A 205 29.26 13.66 19.50
C SER A 205 27.74 13.50 19.46
N SER A 206 27.09 14.18 18.51
CA SER A 206 25.65 14.02 18.30
C SER A 206 25.30 14.68 16.98
N GLN A 207 24.27 14.14 16.32
CA GLN A 207 23.80 14.76 15.09
C GLN A 207 22.36 14.35 14.84
N LYS A 208 21.64 15.18 14.09
CA LYS A 208 20.27 14.88 13.70
C LYS A 208 20.13 15.06 12.20
N MET A 209 19.42 14.14 11.56
CA MET A 209 19.23 14.18 10.12
C MET A 209 17.78 13.85 9.77
N ARG A 210 17.42 14.14 8.53
CA ARG A 210 16.10 13.80 7.98
C ARG A 210 16.32 13.00 6.70
N LEU A 211 16.15 11.68 6.78
CA LEU A 211 16.50 10.81 5.66
C LEU A 211 15.50 10.93 4.51
N ASP A 212 14.24 10.62 4.78
CA ASP A 212 13.23 10.52 3.72
C ASP A 212 12.90 11.93 3.23
N ASN A 213 11.92 12.02 2.33
CA ASN A 213 11.56 13.31 1.76
C ASN A 213 11.25 14.34 2.86
N ASP A 214 10.38 13.97 3.78
CA ASP A 214 10.15 14.82 4.95
C ASP A 214 10.15 14.04 6.25
N ASP A 215 9.80 12.76 6.22
CA ASP A 215 9.73 11.94 7.41
C ASP A 215 11.15 11.52 7.81
N LEU A 216 11.24 10.59 8.76
CA LEU A 216 12.51 9.99 9.20
C LEU A 216 13.47 11.04 9.78
N THR A 217 13.06 11.65 10.88
CA THR A 217 13.98 12.43 11.70
C THR A 217 14.71 11.47 12.63
N ILE A 218 16.03 11.37 12.47
CA ILE A 218 16.82 10.44 13.25
C ILE A 218 17.96 11.19 13.94
N ALA A 219 18.47 10.58 15.00
CA ALA A 219 19.57 11.14 15.78
C ALA A 219 20.65 10.07 15.93
N ILE A 220 21.90 10.47 15.65
CA ILE A 220 23.06 9.59 15.73
C ILE A 220 23.93 10.07 16.88
N SER A 221 24.34 9.13 17.74
CA SER A 221 25.30 9.40 18.80
C SER A 221 26.37 8.33 18.77
N GLY A 222 27.54 8.63 19.33
CA GLY A 222 28.67 7.72 19.29
C GLY A 222 29.17 7.38 20.68
N PHE A 223 29.50 6.11 20.90
CA PHE A 223 29.91 5.67 22.23
C PHE A 223 31.21 4.88 22.20
N ILE A 224 31.58 4.31 23.35
CA ILE A 224 32.74 3.43 23.46
C ILE A 224 32.45 2.41 24.53
N THR A 225 33.07 1.24 24.43
CA THR A 225 32.87 0.18 25.41
C THR A 225 33.75 0.41 26.63
N ASN A 226 33.14 0.33 27.81
CA ASN A 226 33.87 0.65 29.04
C ASN A 226 34.85 -0.44 29.45
N ARG A 227 34.57 -1.69 29.07
CA ARG A 227 35.35 -2.87 29.41
C ARG A 227 35.16 -3.22 30.88
N ILE A 228 34.46 -2.35 31.61
CA ILE A 228 34.02 -2.64 32.97
C ILE A 228 32.51 -2.85 33.04
N GLY A 229 31.75 -1.99 32.36
CA GLY A 229 30.33 -2.24 32.21
C GLY A 229 30.05 -3.52 31.47
N PHE A 230 30.91 -3.88 30.51
CA PHE A 230 30.75 -5.15 29.81
C PHE A 230 30.96 -6.32 30.76
N ALA A 231 31.94 -6.23 31.65
CA ALA A 231 32.13 -7.27 32.65
C ALA A 231 30.95 -7.36 33.60
N ILE A 232 30.42 -6.21 34.04
CA ILE A 232 29.23 -6.22 34.88
C ILE A 232 28.07 -6.88 34.16
N TYR A 233 27.88 -6.55 32.88
CA TYR A 233 26.79 -7.11 32.11
C TYR A 233 26.92 -8.62 31.97
N ILE A 234 28.13 -9.11 31.67
CA ILE A 234 28.30 -10.54 31.46
C ILE A 234 28.15 -11.30 32.78
N VAL A 235 28.65 -10.74 33.89
CA VAL A 235 28.50 -11.43 35.16
C VAL A 235 27.04 -11.43 35.60
N LEU A 236 26.32 -10.35 35.32
CA LEU A 236 24.88 -10.32 35.63
C LEU A 236 24.13 -11.35 34.79
N CYS A 237 24.47 -11.47 33.51
CA CYS A 237 23.84 -12.48 32.67
C CYS A 237 24.13 -13.88 33.18
N VAL A 238 25.37 -14.13 33.61
CA VAL A 238 25.71 -15.45 34.15
C VAL A 238 24.92 -15.72 35.43
N LEU A 239 24.85 -14.74 36.32
CA LEU A 239 24.17 -14.94 37.60
C LEU A 239 22.67 -15.18 37.40
N THR A 240 22.03 -14.42 36.52
CA THR A 240 20.58 -14.55 36.37
C THR A 240 20.18 -15.65 35.39
N GLY A 241 21.13 -16.26 34.70
CA GLY A 241 20.84 -17.39 33.83
C GLY A 241 20.17 -17.06 32.53
N GLY A 242 19.87 -15.78 32.25
CA GLY A 242 19.26 -15.45 30.98
C GLY A 242 18.17 -14.39 31.03
N ILE A 243 17.86 -13.88 32.22
CA ILE A 243 16.83 -12.85 32.32
C ILE A 243 17.40 -11.47 31.99
N ALA A 244 18.69 -11.27 32.29
CA ALA A 244 19.34 -10.00 31.93
C ALA A 244 19.39 -9.84 30.42
N TRP A 245 19.67 -10.92 29.69
CA TRP A 245 19.70 -10.85 28.23
C TRP A 245 18.35 -10.41 27.67
N LEU A 246 17.27 -11.03 28.16
CA LEU A 246 15.94 -10.63 27.70
C LEU A 246 15.64 -9.18 28.04
N PHE A 247 15.91 -8.79 29.30
CA PHE A 247 15.52 -7.45 29.73
C PHE A 247 16.35 -6.37 29.05
N LEU A 248 17.59 -6.69 28.66
CA LEU A 248 18.43 -5.74 27.97
C LEU A 248 18.36 -5.88 26.46
N ARG A 249 17.57 -6.83 25.96
CA ARG A 249 17.17 -6.78 24.56
C ARG A 249 15.84 -6.07 24.36
N TRP A 250 14.95 -6.13 25.35
CA TRP A 250 13.69 -5.40 25.25
C TRP A 250 13.87 -3.91 25.48
N TYR A 251 14.85 -3.51 26.29
CA TYR A 251 15.05 -2.11 26.66
C TYR A 251 16.53 -1.77 26.52
N PRO A 252 17.02 -1.60 25.29
CA PRO A 252 18.45 -1.36 25.09
C PRO A 252 18.94 -0.02 25.63
N LYS A 253 18.05 0.88 26.04
CA LYS A 253 18.49 2.15 26.59
C LYS A 253 19.32 1.94 27.84
N TYR A 254 18.87 1.08 28.75
CA TYR A 254 19.65 0.77 29.93
C TYR A 254 20.93 0.04 29.57
N TYR A 255 20.91 -0.79 28.52
CA TYR A 255 22.13 -1.45 28.08
C TYR A 255 23.18 -0.43 27.65
N VAL A 256 22.77 0.57 26.89
CA VAL A 256 23.70 1.62 26.48
C VAL A 256 24.18 2.41 27.69
N LYS A 257 23.26 2.78 28.58
CA LYS A 257 23.64 3.53 29.77
C LYS A 257 24.56 2.74 30.69
N LEU A 258 24.54 1.41 30.60
CA LEU A 258 25.37 0.56 31.44
C LEU A 258 26.73 0.29 30.81
N VAL A 259 26.79 0.15 29.50
CA VAL A 259 28.02 -0.21 28.81
C VAL A 259 28.68 0.99 28.15
N GLY A 260 27.89 1.84 27.48
CA GLY A 260 28.46 2.89 26.66
C GLY A 260 28.99 4.06 27.46
N CYS A 261 30.12 4.59 27.00
CA CYS A 261 30.70 5.82 27.52
C CYS A 261 30.84 6.80 26.36
N ALA A 262 30.37 8.03 26.56
CA ALA A 262 30.28 8.98 25.46
C ALA A 262 31.66 9.42 24.98
N THR A 263 31.83 9.48 23.67
CA THR A 263 33.05 9.90 22.99
C THR A 263 32.68 10.69 21.76
N PRO A 264 33.60 11.52 21.25
CA PRO A 264 33.33 12.26 20.02
C PRO A 264 33.42 11.35 18.79
N PHE A 265 32.91 11.87 17.67
CA PHE A 265 32.78 11.07 16.46
C PHE A 265 34.13 10.60 15.93
N ARG A 266 35.15 11.45 16.02
CA ARG A 266 36.45 11.13 15.41
C ARG A 266 37.01 9.83 15.97
N ASP A 267 36.94 9.65 17.28
CA ASP A 267 37.40 8.43 17.93
C ASP A 267 36.18 7.71 18.49
N CYS A 268 35.77 6.63 17.82
CA CYS A 268 34.56 5.92 18.20
C CYS A 268 34.70 4.48 17.78
N GLN A 269 33.81 3.63 18.32
CA GLN A 269 33.83 2.22 17.94
C GLN A 269 32.44 1.71 17.59
N TRP A 270 31.40 2.36 18.10
CA TRP A 270 30.05 2.07 17.63
C TRP A 270 29.15 3.26 17.92
N VAL A 271 28.02 3.28 17.21
CA VAL A 271 27.07 4.38 17.28
C VAL A 271 25.68 3.83 17.53
N VAL A 272 24.83 4.72 18.04
CA VAL A 272 23.43 4.43 18.33
C VAL A 272 22.58 5.38 17.49
N ILE A 273 21.60 4.83 16.79
CA ILE A 273 20.72 5.57 15.90
C ILE A 273 19.30 5.44 16.44
N GLU A 274 18.67 6.56 16.73
CA GLU A 274 17.33 6.57 17.30
C GLU A 274 16.42 7.42 16.43
N ASP A 275 15.28 6.87 16.04
CA ASP A 275 14.40 7.52 15.09
C ASP A 275 13.18 8.13 15.79
N HIS A 276 12.28 8.70 15.00
CA HIS A 276 11.10 9.38 15.52
C HIS A 276 10.18 8.44 16.29
N PHE A 277 10.26 7.14 16.03
CA PHE A 277 9.41 6.16 16.71
C PHE A 277 10.06 5.61 17.96
N ASN A 278 11.26 6.07 18.30
CA ASN A 278 11.99 5.64 19.50
C ASN A 278 12.26 4.13 19.47
N LYS A 279 13.03 3.72 18.47
CA LYS A 279 13.53 2.35 18.37
C LYS A 279 15.04 2.45 18.15
N MET A 280 15.82 2.17 19.19
CA MET A 280 17.25 2.32 19.11
C MET A 280 17.91 1.14 18.41
N THR A 281 19.16 1.33 18.01
CA THR A 281 19.91 0.33 17.29
C THR A 281 21.40 0.59 17.50
N ILE A 282 22.19 -0.46 17.41
CA ILE A 282 23.64 -0.39 17.60
C ILE A 282 24.30 -0.76 16.27
N LEU A 283 25.18 0.12 15.79
CA LEU A 283 25.89 -0.10 14.54
C LEU A 283 27.37 0.16 14.73
N SER A 284 28.20 -0.48 13.92
CA SER A 284 29.64 -0.42 14.07
C SER A 284 30.25 0.38 12.92
N ILE A 285 31.01 1.43 13.28
CA ILE A 285 31.70 2.22 12.26
C ILE A 285 32.78 1.39 11.60
N ARG A 286 32.90 1.54 10.28
CA ARG A 286 33.92 0.85 9.49
C ARG A 286 34.87 1.88 8.89
N VAL A 287 36.16 1.56 8.91
CA VAL A 287 37.20 2.45 8.43
C VAL A 287 38.09 1.69 7.45
N LYS A 288 38.49 2.36 6.37
CA LYS A 288 39.31 1.76 5.33
C LYS A 288 40.46 2.69 4.97
N PRO A 289 41.66 2.15 4.75
CA PRO A 289 42.77 3.01 4.29
C PRO A 289 42.50 3.54 2.90
N TYR A 290 42.77 4.83 2.70
CA TYR A 290 42.40 5.51 1.46
C TYR A 290 43.12 6.84 1.41
N ASN A 291 43.72 7.15 0.25
CA ASN A 291 44.58 8.33 0.11
C ASN A 291 44.27 9.02 -1.22
N ARG A 292 43.31 9.94 -1.20
CA ARG A 292 43.00 10.82 -2.32
C ARG A 292 42.50 12.14 -1.77
N PRO A 293 42.44 13.19 -2.59
CA PRO A 293 41.91 14.47 -2.11
C PRO A 293 40.48 14.35 -1.62
N LEU A 294 40.14 15.21 -0.65
CA LEU A 294 38.81 15.19 -0.05
C LEU A 294 37.72 15.38 -1.10
N SER A 295 37.98 16.21 -2.11
CA SER A 295 36.97 16.48 -3.12
C SER A 295 36.55 15.23 -3.89
N THR A 296 37.39 14.18 -3.88
CA THR A 296 37.03 12.95 -4.58
C THR A 296 35.83 12.26 -3.95
N VAL A 297 35.57 12.52 -2.66
CA VAL A 297 34.50 11.83 -1.95
C VAL A 297 33.34 12.80 -1.70
N PHE A 298 33.63 14.09 -1.64
CA PHE A 298 32.61 15.11 -1.44
C PHE A 298 32.69 16.13 -2.57
N GLY A 299 31.59 16.31 -3.28
CA GLY A 299 31.55 17.24 -4.39
C GLY A 299 32.46 16.86 -5.53
N PRO A 315 42.50 19.42 0.42
CA PRO A 315 42.86 18.61 1.58
C PRO A 315 43.03 17.14 1.22
N VAL A 316 43.41 16.32 2.20
CA VAL A 316 43.61 14.89 2.01
C VAL A 316 42.78 14.16 3.06
N LEU A 317 42.18 13.04 2.67
CA LEU A 317 41.36 12.23 3.56
C LEU A 317 42.06 10.91 3.79
N ARG A 318 42.03 10.43 5.03
CA ARG A 318 42.82 9.27 5.43
C ARG A 318 41.98 8.08 5.83
N GLU A 319 41.01 8.25 6.73
CA GLU A 319 40.38 7.10 7.36
C GLU A 319 39.12 6.63 6.65
N LEU A 320 38.34 7.55 6.07
CA LEU A 320 37.13 7.23 5.32
C LEU A 320 36.14 6.43 6.18
N ARG A 321 35.67 7.08 7.24
CA ARG A 321 34.73 6.46 8.16
C ARG A 321 33.31 6.57 7.62
N SER A 322 32.51 5.53 7.83
CA SER A 322 31.17 5.48 7.28
C SER A 322 30.31 4.53 8.10
N ILE A 323 29.00 4.71 7.99
CA ILE A 323 28.05 3.80 8.63
C ILE A 323 26.90 3.53 7.67
N THR A 324 26.42 2.29 7.68
CA THR A 324 25.31 1.87 6.83
C THR A 324 24.07 1.69 7.68
N TYR A 325 23.01 2.42 7.34
CA TYR A 325 21.74 2.35 8.06
C TYR A 325 20.60 2.35 7.05
N CYS A 326 19.83 1.25 7.04
CA CYS A 326 18.71 1.09 6.11
C CYS A 326 19.15 1.36 4.68
N TYR A 327 20.35 0.89 4.35
CA TYR A 327 20.95 0.95 3.01
C TYR A 327 21.36 2.37 2.64
N TYR A 328 21.03 3.35 3.48
CA TYR A 328 21.72 4.63 3.40
C TYR A 328 23.15 4.45 3.89
N LYS A 329 24.06 5.26 3.36
CA LYS A 329 25.48 5.14 3.70
C LYS A 329 26.01 6.53 4.05
N PHE A 330 26.16 6.81 5.34
CA PHE A 330 26.67 8.08 5.81
C PHE A 330 28.18 8.08 5.81
N TYR A 331 28.77 9.18 5.37
CA TYR A 331 30.21 9.39 5.36
C TYR A 331 30.58 10.51 6.31
N TYR A 332 31.81 10.48 6.81
CA TYR A 332 32.27 11.42 7.83
C TYR A 332 33.13 12.51 7.19
N HIS A 333 32.65 13.74 7.26
CA HIS A 333 33.43 14.88 6.79
C HIS A 333 34.23 15.46 7.95
N PRO A 334 35.57 15.42 7.91
CA PRO A 334 36.38 15.83 9.07
C PRO A 334 36.36 17.32 9.35
N VAL A 335 36.63 18.15 8.34
CA VAL A 335 36.79 19.58 8.59
C VAL A 335 35.46 20.21 8.98
N LEU A 336 34.37 19.76 8.38
CA LEU A 336 33.05 20.15 8.86
C LEU A 336 32.62 19.32 10.07
N ASP A 337 33.26 18.18 10.30
CA ASP A 337 33.02 17.34 11.47
C ASP A 337 31.56 16.91 11.56
N LYS A 338 31.11 16.20 10.53
CA LYS A 338 29.70 15.83 10.45
C LYS A 338 29.54 14.54 9.67
N PHE A 339 28.30 14.07 9.58
CA PHE A 339 27.91 12.97 8.72
C PHE A 339 27.05 13.48 7.56
N PHE A 340 27.40 13.07 6.36
CA PHE A 340 26.70 13.44 5.15
C PHE A 340 26.14 12.19 4.49
N CYS A 341 24.90 12.30 3.98
CA CYS A 341 24.27 11.16 3.33
C CYS A 341 24.34 11.28 1.80
N CYS A 342 23.88 12.39 1.25
CA CYS A 342 23.77 12.58 -0.19
C CYS A 342 24.76 13.62 -0.68
N ASN A 343 25.65 13.20 -1.58
CA ASN A 343 26.50 14.11 -2.33
C ASN A 343 26.81 13.45 -3.67
N GLY A 344 26.51 14.13 -4.76
CA GLY A 344 26.41 13.49 -6.05
C GLY A 344 27.70 13.09 -6.72
N TRP A 345 28.85 13.57 -6.23
CA TRP A 345 30.14 13.27 -6.85
C TRP A 345 30.15 13.71 -8.31
N LYS A 346 30.12 15.04 -8.49
CA LYS A 346 30.04 15.62 -9.82
C LYS A 346 31.18 15.19 -10.73
N ASP A 347 32.34 14.82 -10.16
CA ASP A 347 33.48 14.27 -10.87
C ASP A 347 33.86 15.24 -11.99
N PRO A 348 34.52 16.34 -11.68
CA PRO A 348 34.60 17.48 -12.60
C PRO A 348 35.20 17.23 -13.98
N GLN A 349 35.62 15.99 -14.30
CA GLN A 349 36.13 15.75 -15.64
C GLN A 349 35.06 15.92 -16.71
N TRP A 350 33.79 15.86 -16.34
CA TRP A 350 32.68 15.92 -17.29
C TRP A 350 32.54 17.37 -17.79
N ASN A 351 33.33 17.69 -18.80
CA ASN A 351 33.27 19.01 -19.43
C ASN A 351 33.05 18.96 -20.93
N SER A 352 33.61 17.98 -21.64
CA SER A 352 33.47 17.88 -23.08
C SER A 352 33.25 16.42 -23.47
N MET A 353 32.68 16.24 -24.66
CA MET A 353 32.53 14.89 -25.22
C MET A 353 33.86 14.17 -25.32
N GLN A 354 34.96 14.90 -25.53
CA GLN A 354 36.26 14.26 -25.60
C GLN A 354 36.61 13.59 -24.28
N ASN A 355 36.35 14.27 -23.16
CA ASN A 355 36.64 13.69 -21.85
C ASN A 355 35.68 12.55 -21.53
N ALA A 356 34.38 12.78 -21.74
CA ALA A 356 33.38 11.79 -21.33
C ALA A 356 33.42 10.55 -22.22
N ARG A 357 33.88 10.68 -23.46
CA ARG A 357 33.92 9.52 -24.35
C ARG A 357 35.05 8.58 -23.98
N SER A 358 36.21 9.13 -23.64
CA SER A 358 37.33 8.31 -23.18
C SER A 358 37.10 7.95 -21.71
N GLY A 359 36.75 6.70 -21.46
CA GLY A 359 36.44 6.26 -20.13
C GLY A 359 37.67 6.20 -19.23
N LEU A 360 37.40 5.94 -17.96
CA LEU A 360 38.46 5.84 -16.96
C LEU A 360 39.30 4.59 -17.20
N HIS A 361 40.58 4.68 -16.83
CA HIS A 361 41.57 3.67 -17.18
C HIS A 361 42.11 2.98 -15.94
N GLY A 362 41.92 1.67 -15.87
CA GLY A 362 42.66 0.84 -14.93
C GLY A 362 42.40 1.18 -13.47
N ASP A 363 43.49 1.53 -12.78
CA ASP A 363 43.46 1.66 -11.32
C ASP A 363 42.43 2.68 -10.86
N GLU A 364 42.10 3.67 -11.71
CA GLU A 364 41.13 4.68 -11.31
C GLU A 364 39.77 4.05 -10.96
N LYS A 365 39.44 2.92 -11.58
CA LYS A 365 38.21 2.22 -11.21
C LYS A 365 38.27 1.74 -9.76
N ALA A 366 39.40 1.17 -9.36
CA ALA A 366 39.49 0.46 -8.09
C ALA A 366 39.13 1.37 -6.92
N HIS A 367 39.66 2.60 -6.91
CA HIS A 367 39.35 3.52 -5.83
C HIS A 367 37.86 3.84 -5.80
N ARG A 368 37.25 4.00 -6.97
CA ARG A 368 35.80 4.17 -7.03
C ARG A 368 35.09 3.05 -6.29
N GLU A 369 35.58 1.82 -6.43
CA GLU A 369 34.94 0.68 -5.80
C GLU A 369 34.91 0.82 -4.28
N ALA A 370 35.84 1.58 -3.71
CA ALA A 370 35.87 1.74 -2.26
C ALA A 370 34.86 2.78 -1.78
N VAL A 371 34.33 3.61 -2.68
CA VAL A 371 33.44 4.68 -2.29
C VAL A 371 31.99 4.38 -2.64
N PHE A 372 31.75 3.73 -3.78
CA PHE A 372 30.40 3.48 -4.26
C PHE A 372 29.98 2.03 -4.18
N GLY A 373 30.91 1.11 -4.03
CA GLY A 373 30.58 -0.30 -3.91
C GLY A 373 30.16 -0.91 -5.22
N PRO A 374 29.58 -2.10 -5.17
CA PRO A 374 29.16 -2.78 -6.39
C PRO A 374 27.80 -2.28 -6.88
N ASN A 375 27.57 -2.51 -8.17
CA ASN A 375 26.31 -2.12 -8.81
C ASN A 375 25.33 -3.29 -8.71
N SER A 376 24.77 -3.46 -7.51
CA SER A 376 23.82 -4.53 -7.25
C SER A 376 22.91 -4.12 -6.12
N ILE A 377 21.60 -4.33 -6.30
CA ILE A 377 20.61 -4.05 -5.27
C ILE A 377 20.43 -5.35 -4.51
N ASP A 378 21.26 -5.56 -3.50
CA ASP A 378 21.28 -6.81 -2.74
C ASP A 378 20.78 -6.55 -1.32
N VAL A 379 19.47 -6.68 -1.13
CA VAL A 379 18.92 -6.63 0.21
C VAL A 379 19.42 -7.83 1.01
N ASP A 380 19.51 -7.64 2.32
CA ASP A 380 20.12 -8.63 3.20
C ASP A 380 19.03 -9.52 3.82
N GLU A 381 19.11 -10.81 3.56
CA GLU A 381 18.21 -11.78 4.17
C GLU A 381 18.79 -12.28 5.49
N GLN A 382 17.90 -12.75 6.35
CA GLN A 382 18.28 -13.20 7.69
C GLN A 382 17.78 -14.61 7.92
N SER A 383 18.50 -15.34 8.78
CA SER A 383 18.27 -16.77 8.96
C SER A 383 17.04 -17.02 9.83
N ILE A 384 16.65 -18.29 9.89
CA ILE A 384 15.49 -18.71 10.68
C ILE A 384 15.70 -18.38 12.15
N LEU A 385 16.91 -18.64 12.67
CA LEU A 385 17.17 -18.43 14.09
C LEU A 385 17.05 -16.95 14.46
N GLN A 386 17.51 -16.05 13.57
CA GLN A 386 17.36 -14.63 13.83
C GLN A 386 15.88 -14.23 13.86
N LEU A 387 15.09 -14.77 12.94
CA LEU A 387 13.65 -14.54 12.98
C LEU A 387 13.06 -15.01 14.30
N LEU A 388 13.47 -16.19 14.76
CA LEU A 388 12.90 -16.73 15.99
C LEU A 388 13.29 -15.87 17.19
N VAL A 389 14.54 -15.45 17.28
CA VAL A 389 14.96 -14.65 18.43
C VAL A 389 14.39 -13.25 18.35
N SER A 390 13.97 -12.80 17.17
CA SER A 390 13.31 -11.50 17.08
C SER A 390 11.80 -11.61 17.21
N GLU A 391 11.25 -12.83 17.20
CA GLU A 391 9.81 -13.02 17.30
C GLU A 391 9.36 -13.55 18.65
N ILE A 392 9.87 -14.69 19.08
CA ILE A 392 9.39 -15.31 20.33
C ILE A 392 9.71 -14.45 21.54
N LEU A 393 10.85 -13.77 21.53
CA LEU A 393 11.30 -13.15 22.77
C LEU A 393 10.48 -11.94 23.18
N THR A 394 9.32 -11.65 22.58
CA THR A 394 8.46 -10.60 23.10
C THR A 394 7.99 -10.97 24.50
N PRO A 395 7.68 -9.98 25.35
CA PRO A 395 7.33 -10.30 26.75
C PRO A 395 6.13 -11.21 26.91
N PHE A 396 5.15 -11.12 26.02
CA PHE A 396 3.93 -11.91 26.20
C PHE A 396 4.21 -13.40 26.12
N TYR A 397 5.13 -13.82 25.25
CA TYR A 397 5.44 -15.24 25.19
C TYR A 397 6.21 -15.72 26.41
N ALA A 398 7.01 -14.85 27.01
CA ALA A 398 7.61 -15.19 28.30
C ALA A 398 6.53 -15.37 29.36
N PHE A 399 5.53 -14.49 29.37
CA PHE A 399 4.42 -14.65 30.30
C PHE A 399 3.67 -15.94 30.04
N GLN A 400 3.49 -16.32 28.77
CA GLN A 400 2.82 -17.56 28.45
C GLN A 400 3.62 -18.77 28.92
N VAL A 401 4.94 -18.72 28.78
CA VAL A 401 5.78 -19.82 29.28
C VAL A 401 5.67 -19.93 30.79
N PHE A 402 5.66 -18.80 31.49
CA PHE A 402 5.48 -18.84 32.95
C PHE A 402 4.14 -19.45 33.32
N SER A 403 3.08 -19.07 32.60
CA SER A 403 1.76 -19.63 32.86
C SER A 403 1.73 -21.12 32.62
N LEU A 404 2.41 -21.58 31.56
CA LEU A 404 2.44 -23.01 31.27
C LEU A 404 3.18 -23.78 32.37
N ILE A 405 4.29 -23.24 32.85
CA ILE A 405 4.98 -23.85 33.99
C ILE A 405 4.03 -23.95 35.18
N LEU A 406 3.28 -22.88 35.45
CA LEU A 406 2.37 -22.90 36.59
C LEU A 406 1.29 -23.98 36.43
N TRP A 407 0.67 -24.05 35.25
CA TRP A 407 -0.33 -25.09 35.03
C TRP A 407 0.26 -26.47 35.26
N LEU A 408 1.29 -26.84 34.48
CA LEU A 408 1.84 -28.19 34.61
C LEU A 408 2.31 -28.49 36.03
N CYS A 409 2.75 -27.47 36.77
CA CYS A 409 3.08 -27.70 38.17
C CYS A 409 1.84 -27.84 39.03
N ASP A 410 0.67 -27.44 38.54
CA ASP A 410 -0.57 -27.54 39.30
C ASP A 410 -1.47 -28.68 38.83
N GLU A 411 -0.93 -29.64 38.07
CA GLU A 411 -1.65 -30.81 37.58
C GLU A 411 -2.82 -30.45 36.66
N TYR A 412 -2.82 -29.24 36.14
CA TYR A 412 -3.88 -28.79 35.23
C TYR A 412 -3.36 -28.82 33.79
N TYR A 413 -3.41 -30.03 33.22
CA TYR A 413 -2.64 -30.33 32.01
C TYR A 413 -3.35 -29.91 30.73
N TYR A 414 -4.59 -30.34 30.57
CA TYR A 414 -5.23 -30.33 29.25
C TYR A 414 -5.31 -28.92 28.67
N TYR A 415 -5.73 -27.95 29.48
CA TYR A 415 -5.84 -26.58 28.97
C TYR A 415 -4.48 -26.02 28.60
N ALA A 416 -3.45 -26.33 29.38
CA ALA A 416 -2.10 -25.89 29.04
C ALA A 416 -1.66 -26.47 27.71
N ALA A 417 -1.93 -27.76 27.49
CA ALA A 417 -1.59 -28.36 26.20
C ALA A 417 -2.33 -27.70 25.06
N ALA A 418 -3.61 -27.39 25.27
CA ALA A 418 -4.40 -26.75 24.22
C ALA A 418 -3.82 -25.39 23.83
N ILE A 419 -3.52 -24.55 24.82
CA ILE A 419 -3.02 -23.22 24.46
C ILE A 419 -1.60 -23.30 23.94
N LEU A 420 -0.82 -24.31 24.36
CA LEU A 420 0.49 -24.51 23.75
C LEU A 420 0.34 -24.83 22.26
N LEU A 421 -0.61 -25.70 21.92
CA LEU A 421 -0.83 -26.05 20.52
C LEU A 421 -1.24 -24.83 19.70
N ILE A 422 -2.17 -24.02 20.22
CA ILE A 422 -2.62 -22.87 19.43
C ILE A 422 -1.51 -21.83 19.31
N SER A 423 -0.71 -21.64 20.36
CA SER A 423 0.41 -20.70 20.27
C SER A 423 1.44 -21.18 19.26
N ALA A 424 1.74 -22.48 19.25
CA ALA A 424 2.68 -23.01 18.28
C ALA A 424 2.16 -22.82 16.86
N GLY A 425 0.86 -23.05 16.63
CA GLY A 425 0.30 -22.82 15.31
C GLY A 425 0.42 -21.37 14.88
N SER A 426 0.15 -20.43 15.79
CA SER A 426 0.28 -19.02 15.45
C SER A 426 1.73 -18.66 15.10
N ILE A 427 2.69 -19.15 15.90
CA ILE A 427 4.08 -18.87 15.62
C ILE A 427 4.49 -19.41 14.25
N ILE A 428 4.09 -20.65 13.95
CA ILE A 428 4.48 -21.24 12.67
C ILE A 428 3.91 -20.44 11.50
N THR A 429 2.63 -20.07 11.58
CA THR A 429 2.04 -19.37 10.45
C THR A 429 2.66 -17.98 10.27
N SER A 430 2.93 -17.27 11.37
CA SER A 430 3.57 -15.96 11.23
C SER A 430 4.98 -16.07 10.66
N LEU A 431 5.74 -17.07 11.10
CA LEU A 431 7.08 -17.26 10.58
C LEU A 431 7.08 -17.55 9.08
N LEU A 432 6.15 -18.43 8.64
CA LEU A 432 6.06 -18.72 7.22
C LEU A 432 5.68 -17.49 6.43
N GLU A 433 4.75 -16.69 6.96
CA GLU A 433 4.39 -15.42 6.30
C GLU A 433 5.61 -14.54 6.09
N THR A 434 6.38 -14.29 7.15
CA THR A 434 7.51 -13.38 7.03
C THR A 434 8.57 -13.93 6.07
N LYS A 435 8.86 -15.23 6.16
CA LYS A 435 9.87 -15.80 5.27
C LYS A 435 9.44 -15.69 3.82
N GLU A 436 8.17 -15.99 3.52
CA GLU A 436 7.71 -15.91 2.14
C GLU A 436 7.76 -14.47 1.63
N THR A 437 7.35 -13.51 2.44
CA THR A 437 7.37 -12.11 2.02
C THR A 437 8.79 -11.66 1.67
N ARG A 438 9.74 -11.92 2.58
CA ARG A 438 11.10 -11.45 2.32
C ARG A 438 11.75 -12.21 1.16
N ARG A 439 11.41 -13.49 0.98
CA ARG A 439 11.94 -14.18 -0.19
C ARG A 439 11.41 -13.59 -1.48
N ARG A 440 10.11 -13.29 -1.52
CA ARG A 440 9.53 -12.74 -2.75
C ARG A 440 10.08 -11.36 -3.06
N LEU A 441 10.28 -10.52 -2.04
CA LEU A 441 10.80 -9.18 -2.31
C LEU A 441 12.21 -9.20 -2.88
N ARG A 442 12.98 -10.26 -2.64
CA ARG A 442 14.34 -10.33 -3.13
C ARG A 442 14.43 -10.80 -4.58
N GLU A 443 13.30 -11.19 -5.18
CA GLU A 443 13.30 -11.63 -6.56
C GLU A 443 12.90 -10.53 -7.55
N MET A 444 12.24 -9.47 -7.07
CA MET A 444 11.91 -8.34 -7.93
C MET A 444 13.07 -7.38 -8.11
N SER A 445 14.12 -7.49 -7.31
CA SER A 445 15.22 -6.54 -7.28
C SER A 445 16.56 -7.25 -7.32
N ARG A 446 16.68 -8.24 -8.22
CA ARG A 446 17.95 -8.94 -8.42
C ARG A 446 18.14 -9.09 -9.92
N PHE A 447 18.93 -8.20 -10.51
CA PHE A 447 19.15 -8.15 -11.95
C PHE A 447 20.62 -8.40 -12.25
N GLU A 448 20.88 -9.28 -13.22
CA GLU A 448 22.23 -9.64 -13.61
C GLU A 448 22.29 -9.69 -15.13
N CYS A 449 23.17 -8.88 -15.72
CA CYS A 449 23.37 -8.88 -17.16
C CYS A 449 24.84 -9.06 -17.48
N GLU A 450 25.22 -8.93 -18.75
CA GLU A 450 26.60 -9.08 -19.17
C GLU A 450 26.87 -8.04 -20.24
N VAL A 451 27.79 -7.10 -19.96
CA VAL A 451 27.99 -5.95 -20.82
C VAL A 451 29.45 -5.89 -21.27
N ARG A 452 29.74 -4.91 -22.12
CA ARG A 452 31.08 -4.69 -22.64
C ARG A 452 31.49 -3.25 -22.31
N VAL A 453 32.61 -3.11 -21.61
CA VAL A 453 33.02 -1.81 -21.08
C VAL A 453 34.38 -1.43 -21.63
N PHE A 454 34.63 -0.12 -21.62
CA PHE A 454 35.83 0.50 -22.17
C PHE A 454 36.84 0.82 -21.07
N ARG A 455 37.35 -0.24 -20.42
CA ARG A 455 38.21 -0.03 -19.26
C ARG A 455 39.58 0.51 -19.63
N GLY A 456 40.23 -0.07 -20.64
CA GLY A 456 41.62 0.26 -20.89
C GLY A 456 41.94 0.60 -22.33
N GLY A 457 41.04 1.32 -23.00
CA GLY A 457 41.19 1.56 -24.42
C GLY A 457 40.74 0.41 -25.29
N PHE A 458 40.17 -0.64 -24.70
CA PHE A 458 39.63 -1.78 -25.43
C PHE A 458 38.27 -2.11 -24.84
N TRP A 459 37.54 -2.98 -25.53
CA TRP A 459 36.21 -3.39 -25.10
C TRP A 459 36.32 -4.78 -24.47
N ARG A 460 36.11 -4.84 -23.16
CA ARG A 460 36.21 -6.08 -22.41
C ARG A 460 34.88 -6.42 -21.79
N THR A 461 34.57 -7.71 -21.75
CA THR A 461 33.25 -8.18 -21.35
C THR A 461 33.24 -8.45 -19.85
N PHE A 462 32.27 -7.87 -19.14
CA PHE A 462 32.20 -7.90 -17.69
C PHE A 462 30.77 -8.13 -17.24
N PRO A 463 30.57 -8.59 -16.00
CA PRO A 463 29.23 -8.63 -15.43
C PRO A 463 28.71 -7.23 -15.15
N SER A 464 27.39 -7.14 -15.00
CA SER A 464 26.77 -5.84 -14.73
C SER A 464 27.10 -5.33 -13.34
N SER A 465 27.71 -6.14 -12.49
CA SER A 465 28.00 -5.71 -11.13
C SER A 465 29.28 -4.89 -11.04
N ASP A 466 30.16 -4.98 -12.04
CA ASP A 466 31.41 -4.24 -12.03
C ASP A 466 31.29 -2.96 -12.85
N LEU A 467 30.43 -2.07 -12.38
CA LEU A 467 30.27 -0.74 -12.97
C LEU A 467 30.38 0.32 -11.87
N VAL A 468 31.10 1.38 -12.17
CA VAL A 468 31.26 2.50 -11.24
C VAL A 468 31.07 3.80 -12.02
N PRO A 469 30.57 4.87 -11.39
CA PRO A 469 30.35 6.12 -12.12
C PRO A 469 31.57 6.59 -12.88
N GLY A 470 31.48 6.61 -14.21
CA GLY A 470 32.61 6.98 -15.04
C GLY A 470 32.86 6.03 -16.18
N ASP A 471 32.52 4.75 -15.97
CA ASP A 471 32.74 3.75 -17.01
C ASP A 471 31.84 4.02 -18.21
N VAL A 472 32.40 3.90 -19.40
CA VAL A 472 31.66 4.10 -20.64
C VAL A 472 31.43 2.74 -21.27
N TYR A 473 30.18 2.32 -21.34
CA TYR A 473 29.83 1.02 -21.89
C TYR A 473 29.14 1.19 -23.24
N GLU A 474 28.80 0.06 -23.85
CA GLU A 474 28.25 0.03 -25.20
C GLU A 474 26.80 -0.40 -25.17
N VAL A 475 25.97 0.26 -25.97
CA VAL A 475 24.54 -0.01 -26.01
C VAL A 475 24.07 -0.55 -27.36
N SER A 476 24.91 -0.50 -28.39
CA SER A 476 24.48 -0.91 -29.73
C SER A 476 24.43 -2.42 -29.89
N ASP A 477 25.10 -3.18 -29.03
CA ASP A 477 25.19 -4.61 -29.22
C ASP A 477 23.83 -5.27 -29.02
N PRO A 478 23.60 -6.42 -29.66
CA PRO A 478 22.28 -7.07 -29.54
C PRO A 478 22.10 -7.89 -28.29
N SER A 479 23.18 -8.31 -27.63
CA SER A 479 23.04 -9.05 -26.38
C SER A 479 22.40 -8.20 -25.30
N LEU A 480 22.79 -6.93 -25.22
CA LEU A 480 22.24 -6.02 -24.21
C LEU A 480 20.77 -5.78 -24.48
N THR A 481 19.91 -6.25 -23.58
CA THR A 481 18.47 -6.09 -23.72
C THR A 481 17.84 -5.23 -22.63
N GLN A 482 18.61 -4.80 -21.63
CA GLN A 482 18.08 -3.97 -20.56
C GLN A 482 19.21 -3.10 -20.04
N ILE A 483 18.90 -1.85 -19.72
CA ILE A 483 19.93 -0.88 -19.37
C ILE A 483 20.54 -1.24 -18.02
N PRO A 484 21.87 -1.35 -17.91
CA PRO A 484 22.46 -1.82 -16.65
C PRO A 484 22.44 -0.78 -15.54
N ALA A 485 22.64 0.50 -15.86
CA ALA A 485 22.67 1.54 -14.84
C ALA A 485 22.30 2.87 -15.47
N ASP A 486 21.89 3.81 -14.63
CA ASP A 486 21.54 5.15 -15.08
C ASP A 486 22.63 5.71 -15.97
N SER A 487 22.30 5.95 -17.23
CA SER A 487 23.30 6.29 -18.23
C SER A 487 23.00 7.64 -18.85
N LEU A 488 23.90 8.05 -19.74
CA LEU A 488 23.72 9.22 -20.58
C LEU A 488 24.34 8.92 -21.94
N LEU A 489 23.61 9.22 -23.00
CA LEU A 489 24.10 8.93 -24.35
C LEU A 489 25.27 9.83 -24.71
N LEU A 490 26.10 9.34 -25.61
CA LEU A 490 27.19 10.12 -26.18
C LEU A 490 27.17 10.15 -27.69
N THR A 491 26.83 9.03 -28.34
CA THR A 491 26.71 8.97 -29.79
C THR A 491 25.48 8.14 -30.14
N GLY A 492 25.21 8.05 -31.44
CA GLY A 492 24.13 7.21 -31.93
C GLY A 492 22.76 7.69 -31.47
N ASP A 493 21.84 6.73 -31.37
CA ASP A 493 20.49 6.97 -30.87
C ASP A 493 19.92 5.67 -30.34
N CYS A 494 18.82 5.77 -29.59
CA CYS A 494 18.28 4.58 -28.95
C CYS A 494 16.77 4.67 -28.87
N ILE A 495 16.13 3.53 -28.69
CA ILE A 495 14.69 3.42 -28.54
C ILE A 495 14.40 2.59 -27.29
N VAL A 496 13.73 3.18 -26.31
CA VAL A 496 13.34 2.47 -25.10
C VAL A 496 11.88 2.77 -24.77
N ASN A 497 11.26 1.86 -24.03
CA ASN A 497 9.89 2.04 -23.55
C ASN A 497 9.94 2.11 -22.03
N GLU A 498 9.62 3.28 -21.48
CA GLU A 498 9.69 3.51 -20.04
C GLU A 498 8.39 3.08 -19.38
N SER A 499 8.14 1.77 -19.44
CA SER A 499 6.97 1.20 -18.77
C SER A 499 7.10 1.18 -17.26
N MET A 500 8.28 1.46 -16.72
CA MET A 500 8.52 1.45 -15.29
C MET A 500 8.35 2.82 -14.65
N LEU A 501 8.64 3.89 -15.41
CA LEU A 501 8.52 5.22 -14.83
C LEU A 501 7.12 5.79 -15.05
N THR A 502 6.62 5.73 -16.28
CA THR A 502 5.24 6.06 -16.59
C THR A 502 4.45 4.78 -16.83
N GLY A 503 3.13 4.86 -16.69
CA GLY A 503 2.31 3.68 -16.83
C GLY A 503 2.17 3.20 -18.27
N GLU A 504 2.49 4.05 -19.24
CA GLU A 504 2.28 3.70 -20.64
C GLU A 504 3.31 2.68 -21.10
N SER A 505 3.09 2.16 -22.31
CA SER A 505 4.02 1.24 -22.96
C SER A 505 4.41 1.73 -24.35
N VAL A 506 4.35 3.03 -24.59
CA VAL A 506 4.62 3.58 -25.92
C VAL A 506 6.12 3.71 -26.13
N ALA A 507 6.55 3.50 -27.37
CA ALA A 507 7.96 3.58 -27.70
C ALA A 507 8.45 5.02 -27.63
N VAL A 508 9.62 5.20 -27.02
CA VAL A 508 10.24 6.51 -26.84
C VAL A 508 11.60 6.50 -27.50
N SER A 509 11.97 7.60 -28.14
CA SER A 509 13.24 7.74 -28.85
C SER A 509 14.13 8.71 -28.10
N LYS A 510 15.40 8.34 -27.95
CA LYS A 510 16.36 9.15 -27.24
C LYS A 510 17.59 9.39 -28.10
N THR A 511 18.15 10.59 -27.96
CA THR A 511 19.15 11.15 -28.85
C THR A 511 20.37 11.57 -28.05
N PRO A 512 21.54 11.66 -28.69
CA PRO A 512 22.78 11.87 -27.93
C PRO A 512 22.79 13.19 -27.19
N ALA A 513 23.53 13.21 -26.07
CA ALA A 513 23.61 14.38 -25.21
C ALA A 513 24.69 15.32 -25.72
N THR A 514 24.32 16.57 -25.96
CA THR A 514 25.23 17.57 -26.48
C THR A 514 26.19 18.04 -25.38
N ASN A 515 27.20 18.80 -25.80
CA ASN A 515 28.20 19.30 -24.86
C ASN A 515 27.61 20.24 -23.81
N GLU A 516 26.48 20.87 -24.11
CA GLU A 516 25.90 21.83 -23.18
C GLU A 516 25.23 21.14 -22.00
N THR A 517 24.57 20.01 -22.22
CA THR A 517 23.72 19.41 -21.21
C THR A 517 24.50 18.85 -20.02
N LEU A 518 25.83 18.72 -20.11
CA LEU A 518 26.60 18.29 -18.95
C LEU A 518 26.51 19.28 -17.81
N ALA A 519 26.37 20.57 -18.13
CA ALA A 519 26.31 21.59 -17.08
C ALA A 519 25.09 21.42 -16.21
N LYS A 520 23.92 21.24 -16.81
CA LYS A 520 22.68 21.19 -16.04
C LYS A 520 22.47 19.84 -15.36
N LEU A 521 23.24 18.82 -15.73
CA LEU A 521 23.09 17.51 -15.12
C LEU A 521 23.42 17.59 -13.63
N ASN A 522 22.57 16.99 -12.80
CA ASN A 522 22.74 16.98 -11.35
C ASN A 522 22.50 15.56 -10.85
N PRO A 523 23.55 14.82 -10.47
CA PRO A 523 23.36 13.40 -10.14
C PRO A 523 22.55 13.15 -8.88
N ALA A 524 22.06 14.18 -8.20
CA ALA A 524 21.29 14.00 -6.98
C ALA A 524 19.92 14.66 -7.03
N ALA A 525 19.50 15.17 -8.20
CA ALA A 525 18.25 15.92 -8.27
C ALA A 525 17.03 15.03 -8.03
N SER A 526 17.16 13.73 -8.27
CA SER A 526 16.14 12.72 -7.98
C SER A 526 14.93 12.83 -8.91
N THR A 527 14.91 13.86 -9.74
CA THR A 527 13.87 14.03 -10.76
C THR A 527 14.40 15.02 -11.78
N PHE A 528 14.47 14.61 -13.04
CA PHE A 528 15.23 15.34 -14.04
C PHE A 528 14.31 16.16 -14.95
N SER A 529 14.77 17.36 -15.28
CA SER A 529 14.04 18.22 -16.20
C SER A 529 14.03 17.61 -17.60
N HIS A 530 13.11 18.10 -18.44
CA HIS A 530 12.95 17.56 -19.78
C HIS A 530 14.20 17.77 -20.63
N ASP A 531 14.84 18.93 -20.48
CA ASP A 531 16.03 19.25 -21.27
C ASP A 531 17.09 18.17 -21.11
N VAL A 532 17.26 17.66 -19.90
CA VAL A 532 18.19 16.56 -19.67
C VAL A 532 17.50 15.20 -19.72
N ASP A 533 16.17 15.14 -19.55
CA ASP A 533 15.48 13.86 -19.65
C ASP A 533 15.44 13.36 -21.09
N LYS A 534 15.66 14.24 -22.07
CA LYS A 534 15.68 13.78 -23.45
C LYS A 534 16.87 12.88 -23.75
N HIS A 535 17.87 12.80 -22.85
CA HIS A 535 19.07 12.03 -23.13
C HIS A 535 19.43 11.02 -22.03
N PHE A 536 18.54 10.76 -21.08
CA PHE A 536 18.85 9.94 -19.92
C PHE A 536 18.24 8.56 -20.08
N LEU A 537 19.05 7.52 -19.91
CA LEU A 537 18.65 6.13 -20.08
C LEU A 537 18.56 5.49 -18.69
N TYR A 538 17.35 5.43 -18.15
CA TYR A 538 17.18 4.93 -16.79
C TYR A 538 17.51 3.45 -16.72
N CYS A 539 17.68 2.95 -15.50
CA CYS A 539 18.08 1.57 -15.26
C CYS A 539 16.84 0.71 -14.99
N GLY A 540 16.79 -0.44 -15.66
CA GLY A 540 15.67 -1.35 -15.52
C GLY A 540 14.61 -1.24 -16.60
N THR A 541 14.84 -0.43 -17.62
CA THR A 541 13.88 -0.24 -18.70
C THR A 541 14.32 -1.01 -19.93
N LYS A 542 13.36 -1.65 -20.59
CA LYS A 542 13.65 -2.46 -21.77
C LYS A 542 14.24 -1.61 -22.88
N LEU A 543 14.77 -2.28 -23.91
CA LEU A 543 15.40 -1.62 -25.04
C LEU A 543 14.83 -2.23 -26.32
N ILE A 544 14.00 -1.45 -27.02
CA ILE A 544 13.36 -1.95 -28.23
C ILE A 544 14.36 -2.11 -29.36
N ARG A 545 15.04 -1.02 -29.72
CA ARG A 545 15.94 -1.02 -30.85
C ARG A 545 17.02 0.03 -30.65
N ALA A 546 18.21 -0.24 -31.19
CA ALA A 546 19.32 0.70 -31.12
C ALA A 546 20.08 0.67 -32.45
N ARG A 547 20.81 1.74 -32.71
CA ARG A 547 21.58 1.85 -33.94
C ARG A 547 22.70 0.81 -33.99
N ALA A 557 26.90 1.74 -32.89
CA ALA A 557 27.96 2.74 -32.77
C ALA A 557 27.64 3.74 -31.66
N ALA A 558 26.69 3.38 -30.81
CA ALA A 558 26.23 4.24 -29.73
C ALA A 558 26.77 3.72 -28.40
N VAL A 559 27.40 4.62 -27.63
CA VAL A 559 27.93 4.27 -26.32
C VAL A 559 27.16 5.04 -25.26
N ALA A 560 27.45 4.78 -24.00
CA ALA A 560 26.76 5.46 -22.90
C ALA A 560 27.70 5.59 -21.72
N LEU A 561 27.44 6.59 -20.89
CA LEU A 561 28.25 6.90 -19.71
C LEU A 561 27.39 6.76 -18.48
N VAL A 562 27.81 5.89 -17.55
CA VAL A 562 27.05 5.66 -16.34
C VAL A 562 27.17 6.86 -15.41
N VAL A 563 26.13 7.13 -14.64
CA VAL A 563 26.09 8.27 -13.71
C VAL A 563 25.88 7.81 -12.27
N ARG A 564 24.92 6.92 -12.05
CA ARG A 564 24.61 6.42 -10.72
C ARG A 564 24.57 4.90 -10.72
N THR A 565 24.98 4.31 -9.60
CA THR A 565 24.99 2.86 -9.45
C THR A 565 24.46 2.50 -8.06
N GLY A 566 24.01 1.25 -7.93
CA GLY A 566 23.59 0.76 -6.64
C GLY A 566 22.26 1.33 -6.23
N PHE A 567 22.13 1.67 -4.96
CA PHE A 567 20.88 2.22 -4.42
C PHE A 567 20.67 3.67 -4.80
N ASN A 568 21.64 4.33 -5.42
CA ASN A 568 21.44 5.70 -5.87
C ASN A 568 20.56 5.76 -7.11
N THR A 569 20.42 4.65 -7.82
CA THR A 569 19.58 4.61 -9.01
C THR A 569 18.12 4.83 -8.62
N THR A 570 17.34 5.37 -9.57
CA THR A 570 15.93 5.66 -9.29
C THR A 570 15.18 4.40 -8.88
N ARG A 571 15.36 3.31 -9.63
CA ARG A 571 14.76 2.05 -9.23
C ARG A 571 15.35 1.56 -7.91
N GLY A 572 16.67 1.70 -7.74
CA GLY A 572 17.28 1.33 -6.48
C GLY A 572 16.78 2.16 -5.32
N ALA A 573 16.63 3.46 -5.53
CA ALA A 573 16.09 4.33 -4.48
C ALA A 573 14.66 3.93 -4.12
N LEU A 574 13.86 3.59 -5.12
CA LEU A 574 12.49 3.14 -4.86
C LEU A 574 12.49 1.85 -4.03
N VAL A 575 13.34 0.89 -4.41
CA VAL A 575 13.41 -0.36 -3.67
C VAL A 575 13.86 -0.12 -2.24
N ARG A 576 14.85 0.75 -2.05
CA ARG A 576 15.31 1.07 -0.70
C ARG A 576 14.22 1.72 0.12
N SER A 577 13.46 2.65 -0.47
CA SER A 577 12.37 3.28 0.24
C SER A 577 11.19 2.34 0.46
N MET A 578 11.19 1.17 -0.20
CA MET A 578 10.16 0.19 0.09
C MET A 578 10.44 -0.63 1.35
N LEU A 579 11.64 -0.51 1.93
CA LEU A 579 12.00 -1.24 3.14
C LEU A 579 12.13 -0.37 4.37
N VAL A 580 12.18 0.94 4.21
CA VAL A 580 12.26 1.86 5.36
C VAL A 580 11.05 1.63 6.26
N PRO A 581 11.21 1.56 7.58
CA PRO A 581 10.06 1.33 8.45
C PRO A 581 9.22 2.59 8.63
N LYS A 582 7.94 2.36 8.92
CA LYS A 582 6.98 3.43 9.14
C LYS A 582 5.92 2.92 10.12
N PRO A 583 5.76 3.56 11.27
CA PRO A 583 4.79 3.07 12.25
C PRO A 583 3.36 3.17 11.74
N SER A 584 2.52 2.27 12.22
CA SER A 584 1.14 2.17 11.77
C SER A 584 0.26 3.14 12.55
N LYS A 585 -0.78 3.64 11.88
CA LYS A 585 -1.79 4.47 12.50
C LYS A 585 -2.97 3.67 13.03
N PHE A 586 -2.98 2.35 12.82
CA PHE A 586 -4.02 1.49 13.37
C PHE A 586 -3.61 1.08 14.78
N LYS A 587 -4.37 1.53 15.76
CA LYS A 587 -4.00 1.43 17.17
C LYS A 587 -4.80 0.36 17.90
N PHE A 588 -5.03 -0.79 17.26
CA PHE A 588 -5.85 -1.82 17.89
C PHE A 588 -5.00 -2.75 18.77
N TYR A 589 -4.05 -3.45 18.17
CA TYR A 589 -3.30 -4.45 18.92
C TYR A 589 -2.47 -3.82 20.03
N GLU A 590 -1.89 -2.66 19.77
CA GLU A 590 -1.10 -1.98 20.79
C GLU A 590 -1.98 -1.55 21.96
N ASP A 591 -3.20 -1.08 21.68
CA ASP A 591 -4.12 -0.70 22.74
C ASP A 591 -4.57 -1.92 23.54
N SER A 592 -4.76 -3.06 22.86
CA SER A 592 -5.09 -4.29 23.60
C SER A 592 -3.95 -4.69 24.53
N PHE A 593 -2.71 -4.61 24.06
CA PHE A 593 -1.58 -4.96 24.92
C PHE A 593 -1.45 -3.99 26.09
N ARG A 594 -1.71 -2.71 25.85
CA ARG A 594 -1.73 -1.76 26.96
C ARG A 594 -2.81 -2.12 27.98
N TYR A 595 -3.97 -2.55 27.50
CA TYR A 595 -5.02 -3.02 28.41
C TYR A 595 -4.55 -4.19 29.26
N LEU A 596 -3.89 -5.18 28.66
CA LEU A 596 -3.36 -6.28 29.45
C LEU A 596 -2.34 -5.81 30.48
N LYS A 597 -1.53 -4.80 30.13
CA LYS A 597 -0.54 -4.33 31.10
C LYS A 597 -1.22 -3.65 32.29
N VAL A 598 -2.27 -2.88 32.05
CA VAL A 598 -3.02 -2.29 33.16
C VAL A 598 -3.67 -3.40 34.00
N MET A 599 -4.19 -4.44 33.33
CA MET A 599 -4.78 -5.55 34.07
C MET A 599 -3.75 -6.25 34.94
N GLY A 600 -2.51 -6.37 34.45
CA GLY A 600 -1.45 -6.91 35.27
C GLY A 600 -1.14 -6.04 36.47
N CYS A 601 -1.19 -4.71 36.28
CA CYS A 601 -1.00 -3.81 37.42
C CYS A 601 -2.09 -4.01 38.47
N LEU A 602 -3.31 -4.33 38.04
CA LEU A 602 -4.35 -4.67 39.01
C LEU A 602 -4.10 -6.02 39.67
N ALA A 603 -3.66 -7.00 38.87
CA ALA A 603 -3.42 -8.33 39.38
C ALA A 603 -2.33 -8.35 40.43
N GLY A 604 -1.38 -7.41 40.36
CA GLY A 604 -0.36 -7.33 41.41
C GLY A 604 -0.96 -6.99 42.76
N LEU A 605 -1.83 -5.99 42.81
CA LEU A 605 -2.51 -5.66 44.06
C LEU A 605 -3.36 -6.82 44.55
N ALA A 606 -4.06 -7.49 43.62
CA ALA A 606 -4.85 -8.64 44.01
C ALA A 606 -3.97 -9.74 44.62
N PHE A 607 -2.80 -9.96 44.03
CA PHE A 607 -1.85 -10.93 44.57
C PHE A 607 -1.43 -10.57 45.99
N ILE A 608 -1.13 -9.28 46.22
CA ILE A 608 -0.70 -8.87 47.56
C ILE A 608 -1.80 -9.11 48.59
N VAL A 609 -3.03 -8.73 48.25
CA VAL A 609 -4.14 -8.90 49.18
C VAL A 609 -4.37 -10.39 49.45
N SER A 610 -4.31 -11.22 48.42
CA SER A 610 -4.49 -12.66 48.60
C SER A 610 -3.38 -13.23 49.48
N LEU A 611 -2.14 -12.78 49.29
CA LEU A 611 -1.04 -13.27 50.10
C LEU A 611 -1.23 -12.94 51.57
N VAL A 612 -1.64 -11.71 51.88
CA VAL A 612 -1.89 -11.35 53.27
C VAL A 612 -3.03 -12.20 53.84
N ASN A 613 -4.13 -12.32 53.10
CA ASN A 613 -5.27 -13.07 53.61
C ASN A 613 -4.95 -14.56 53.77
N PHE A 614 -3.96 -15.06 53.03
CA PHE A 614 -3.60 -16.46 53.16
C PHE A 614 -2.64 -16.69 54.31
N ILE A 615 -1.69 -15.78 54.54
CA ILE A 615 -0.85 -15.91 55.72
C ILE A 615 -1.66 -15.69 56.99
N ARG A 616 -2.79 -14.99 56.91
CA ARG A 616 -3.66 -14.85 58.08
C ARG A 616 -4.20 -16.20 58.53
N LEU A 617 -4.63 -17.04 57.59
CA LEU A 617 -5.32 -18.28 57.91
C LEU A 617 -4.39 -19.43 58.26
N LYS A 618 -3.08 -19.17 58.36
CA LYS A 618 -2.10 -20.17 58.79
C LYS A 618 -2.13 -21.40 57.88
N LEU A 619 -2.27 -21.17 56.58
CA LEU A 619 -2.21 -22.26 55.62
C LEU A 619 -0.76 -22.63 55.31
N HIS A 620 -0.60 -23.75 54.61
CA HIS A 620 0.71 -24.23 54.20
C HIS A 620 1.27 -23.28 53.13
N TRP A 621 2.57 -23.40 52.86
CA TRP A 621 3.21 -22.39 52.01
C TRP A 621 3.06 -22.72 50.53
N THR A 622 3.11 -23.99 50.16
CA THR A 622 2.93 -24.35 48.76
C THR A 622 1.55 -23.94 48.25
N LEU A 623 0.52 -24.15 49.08
CA LEU A 623 -0.82 -23.70 48.71
C LEU A 623 -0.86 -22.20 48.51
N ILE A 624 -0.26 -21.44 49.44
CA ILE A 624 -0.31 -19.99 49.35
C ILE A 624 0.36 -19.53 48.05
N LEU A 625 1.54 -20.08 47.76
CA LEU A 625 2.25 -19.70 46.55
C LEU A 625 1.43 -20.03 45.31
N LEU A 626 0.95 -21.27 45.21
CA LEU A 626 0.25 -21.69 43.99
C LEU A 626 -1.02 -20.88 43.77
N ARG A 627 -1.81 -20.65 44.82
CA ARG A 627 -3.05 -19.92 44.65
C ARG A 627 -2.79 -18.45 44.32
N ALA A 628 -1.88 -17.81 45.07
CA ALA A 628 -1.59 -16.41 44.81
C ALA A 628 -1.02 -16.21 43.42
N LEU A 629 -0.38 -17.23 42.86
CA LEU A 629 0.17 -17.06 41.51
C LEU A 629 -0.87 -17.38 40.43
N ASP A 630 -1.72 -18.40 40.64
CA ASP A 630 -2.77 -18.65 39.67
C ASP A 630 -3.77 -17.51 39.59
N LEU A 631 -3.92 -16.75 40.67
CA LEU A 631 -4.80 -15.59 40.58
C LEU A 631 -4.25 -14.55 39.61
N LEU A 632 -2.95 -14.61 39.31
CA LEU A 632 -2.38 -13.74 38.28
C LEU A 632 -2.86 -14.16 36.90
N THR A 633 -2.77 -15.46 36.60
CA THR A 633 -3.18 -15.94 35.28
C THR A 633 -4.69 -15.92 35.12
N ILE A 634 -5.45 -15.78 36.20
CA ILE A 634 -6.90 -15.64 36.07
C ILE A 634 -7.26 -14.28 35.48
N VAL A 635 -6.56 -13.22 35.90
CA VAL A 635 -6.94 -11.88 35.48
C VAL A 635 -6.33 -11.51 34.14
N VAL A 636 -5.13 -12.02 33.83
CA VAL A 636 -4.48 -11.74 32.54
C VAL A 636 -4.54 -13.01 31.70
N PRO A 637 -5.59 -13.22 30.93
CA PRO A 637 -5.78 -14.52 30.27
C PRO A 637 -4.75 -14.73 29.18
N PRO A 638 -4.04 -15.85 29.22
CA PRO A 638 -2.99 -16.12 28.22
C PRO A 638 -3.51 -16.52 26.84
N ALA A 639 -4.82 -16.44 26.58
CA ALA A 639 -5.37 -16.84 25.30
C ALA A 639 -6.26 -15.76 24.70
N LEU A 640 -6.00 -14.50 25.04
CA LEU A 640 -6.73 -13.40 24.42
C LEU A 640 -6.15 -13.06 23.04
N PRO A 641 -4.85 -12.80 22.90
CA PRO A 641 -4.32 -12.48 21.57
C PRO A 641 -4.51 -13.59 20.55
N ALA A 642 -4.38 -14.85 20.96
CA ALA A 642 -4.57 -15.94 20.03
C ALA A 642 -6.02 -16.09 19.61
N THR A 643 -6.94 -15.49 20.36
CA THR A 643 -8.36 -15.52 20.00
C THR A 643 -8.75 -14.30 19.17
N LEU A 644 -8.03 -13.18 19.32
CA LEU A 644 -8.38 -11.98 18.57
C LEU A 644 -8.05 -12.06 17.08
N THR A 645 -7.62 -13.19 16.56
CA THR A 645 -7.31 -13.32 15.14
C THR A 645 -8.32 -14.17 14.37
N ILE A 646 -9.34 -14.68 15.03
CA ILE A 646 -10.26 -15.60 14.37
C ILE A 646 -11.09 -14.88 13.31
N GLY A 647 -11.47 -13.63 13.58
CA GLY A 647 -12.25 -12.90 12.59
C GLY A 647 -11.53 -12.71 11.28
N THR A 648 -10.27 -12.27 11.35
CA THR A 648 -9.48 -12.11 10.13
C THR A 648 -9.19 -13.47 9.50
N SER A 649 -8.95 -14.49 10.32
CA SER A 649 -8.69 -15.81 9.77
C SER A 649 -9.88 -16.32 8.97
N PHE A 650 -11.11 -16.04 9.44
CA PHE A 650 -12.28 -16.47 8.68
C PHE A 650 -12.53 -15.59 7.47
N ALA A 651 -12.23 -14.29 7.55
CA ALA A 651 -12.43 -13.40 6.41
C ALA A 651 -11.51 -13.74 5.26
N VAL A 652 -10.30 -14.23 5.55
CA VAL A 652 -9.33 -14.48 4.50
C VAL A 652 -9.85 -15.52 3.49
N GLN A 653 -10.50 -16.59 3.97
CA GLN A 653 -11.00 -17.58 3.01
C GLN A 653 -12.20 -17.10 2.22
N ARG A 654 -13.06 -16.24 2.80
CA ARG A 654 -14.12 -15.67 1.97
C ARG A 654 -13.51 -14.83 0.84
N LEU A 655 -12.50 -14.02 1.16
CA LEU A 655 -11.83 -13.27 0.12
C LEU A 655 -11.21 -14.19 -0.91
N LYS A 656 -10.54 -15.25 -0.47
CA LYS A 656 -9.94 -16.20 -1.42
C LYS A 656 -11.00 -16.87 -2.28
N GLY A 657 -12.20 -17.07 -1.74
CA GLY A 657 -13.29 -17.60 -2.55
C GLY A 657 -13.73 -16.63 -3.61
N LYS A 658 -13.72 -15.33 -3.29
CA LYS A 658 -14.08 -14.30 -4.27
C LYS A 658 -12.87 -13.81 -5.07
N LYS A 659 -11.81 -14.61 -5.15
CA LYS A 659 -10.62 -14.44 -6.00
C LYS A 659 -9.65 -13.36 -5.52
N ILE A 660 -9.91 -12.68 -4.42
CA ILE A 660 -8.93 -11.76 -3.83
C ILE A 660 -8.04 -12.54 -2.89
N PHE A 661 -6.72 -12.37 -3.03
CA PHE A 661 -5.74 -13.14 -2.28
C PHE A 661 -5.02 -12.21 -1.31
N CYS A 662 -5.19 -12.44 -0.02
CA CYS A 662 -4.57 -11.62 1.01
C CYS A 662 -3.29 -12.28 1.52
N THR A 663 -2.28 -11.46 1.79
CA THR A 663 -1.02 -11.95 2.34
C THR A 663 -0.75 -11.49 3.76
N SER A 664 -1.24 -10.32 4.15
CA SER A 664 -1.05 -9.80 5.51
C SER A 664 -2.41 -9.67 6.19
N PRO A 665 -2.81 -10.65 7.00
CA PRO A 665 -4.14 -10.59 7.61
C PRO A 665 -4.37 -9.38 8.50
N GLN A 666 -3.33 -8.86 9.15
CA GLN A 666 -3.51 -7.71 10.03
C GLN A 666 -4.05 -6.49 9.29
N ARG A 667 -3.91 -6.45 7.96
CA ARG A 667 -4.42 -5.34 7.18
C ARG A 667 -5.93 -5.41 6.96
N VAL A 668 -6.55 -6.59 7.12
CA VAL A 668 -7.97 -6.71 6.83
C VAL A 668 -8.78 -5.75 7.68
N ASN A 669 -8.47 -5.68 8.98
CA ASN A 669 -9.15 -4.73 9.86
C ASN A 669 -9.05 -3.32 9.33
N VAL A 670 -7.88 -2.94 8.81
CA VAL A 670 -7.68 -1.58 8.32
C VAL A 670 -8.64 -1.26 7.21
N GLY A 671 -9.12 -2.28 6.49
CA GLY A 671 -10.08 -2.05 5.43
C GLY A 671 -11.35 -1.36 5.90
N GLY A 672 -11.67 -1.48 7.19
CA GLY A 672 -12.84 -0.81 7.70
C GLY A 672 -12.66 0.64 8.05
N LYS A 673 -11.46 1.18 7.85
CA LYS A 673 -11.16 2.57 8.15
C LYS A 673 -10.91 3.41 6.90
N ILE A 674 -11.19 2.88 5.71
CA ILE A 674 -10.86 3.59 4.48
C ILE A 674 -11.79 4.78 4.32
N ASP A 675 -11.21 5.96 4.15
CA ASP A 675 -11.95 7.20 3.97
C ASP A 675 -11.65 7.85 2.63
N LEU A 676 -10.69 7.33 1.88
CA LEU A 676 -10.35 7.85 0.56
C LEU A 676 -9.77 6.70 -0.25
N MET A 677 -9.89 6.81 -1.57
CA MET A 677 -9.49 5.72 -2.46
C MET A 677 -8.86 6.33 -3.70
N CYS A 678 -7.53 6.27 -3.79
CA CYS A 678 -6.82 6.73 -4.98
C CYS A 678 -6.99 5.72 -6.11
N PHE A 679 -6.50 6.07 -7.29
CA PHE A 679 -6.76 5.23 -8.46
C PHE A 679 -5.71 5.50 -9.54
N ASP A 680 -5.22 4.43 -10.14
CA ASP A 680 -4.43 4.52 -11.36
C ASP A 680 -5.36 4.83 -12.53
N LYS A 681 -4.82 5.00 -13.73
CA LYS A 681 -5.68 5.19 -14.90
C LYS A 681 -5.50 4.15 -15.98
N THR A 682 -4.29 3.94 -16.48
CA THR A 682 -4.13 3.23 -17.74
C THR A 682 -4.46 1.74 -17.62
N GLY A 683 -4.10 1.12 -16.50
CA GLY A 683 -4.38 -0.29 -16.35
C GLY A 683 -5.59 -0.60 -15.50
N THR A 684 -6.04 0.38 -14.72
CA THR A 684 -7.08 0.16 -13.72
C THR A 684 -8.42 0.72 -14.14
N LEU A 685 -8.49 2.01 -14.47
CA LEU A 685 -9.73 2.66 -14.85
C LEU A 685 -9.96 2.65 -16.35
N THR A 686 -9.17 1.89 -17.11
CA THR A 686 -9.18 1.99 -18.56
C THR A 686 -8.47 0.77 -19.12
N GLU A 687 -8.88 0.35 -20.33
CA GLU A 687 -8.16 -0.71 -21.02
C GLU A 687 -6.71 -0.31 -21.23
N GLU A 688 -5.85 -1.31 -21.39
CA GLU A 688 -4.42 -1.05 -21.49
C GLU A 688 -4.07 -0.33 -22.79
N GLY A 689 -4.63 -0.77 -23.91
CA GLY A 689 -4.26 -0.26 -25.21
C GLY A 689 -5.05 0.95 -25.63
N LEU A 690 -5.00 1.23 -26.93
CA LEU A 690 -5.75 2.33 -27.54
C LEU A 690 -6.68 1.75 -28.59
N ASP A 691 -7.98 1.98 -28.42
CA ASP A 691 -8.99 1.51 -29.36
C ASP A 691 -9.11 2.50 -30.52
N VAL A 692 -10.14 2.34 -31.34
CA VAL A 692 -10.42 3.25 -32.44
C VAL A 692 -11.83 3.80 -32.25
N LEU A 693 -11.94 5.11 -32.07
CA LEU A 693 -13.23 5.72 -31.79
C LEU A 693 -14.08 5.86 -33.05
N GLY A 694 -13.60 6.62 -34.02
CA GLY A 694 -14.36 6.84 -35.24
C GLY A 694 -13.46 7.41 -36.32
N ILE A 695 -14.05 7.57 -37.50
CA ILE A 695 -13.33 8.10 -38.66
C ILE A 695 -14.16 9.23 -39.25
N ARG A 696 -13.54 10.38 -39.44
CA ARG A 696 -14.19 11.54 -40.04
C ARG A 696 -13.62 11.78 -41.43
N VAL A 697 -14.48 12.21 -42.35
CA VAL A 697 -14.09 12.42 -43.73
C VAL A 697 -14.73 13.70 -44.25
N ALA A 698 -14.01 14.39 -45.12
CA ALA A 698 -14.51 15.59 -45.78
C ALA A 698 -14.80 15.28 -47.24
N SER A 699 -16.03 15.55 -47.67
CA SER A 699 -16.42 15.29 -49.04
C SER A 699 -15.92 16.39 -49.97
N ARG A 700 -15.65 16.02 -51.22
CA ARG A 700 -15.27 17.00 -52.22
C ARG A 700 -16.47 17.69 -52.86
N VAL A 701 -17.68 17.19 -52.63
CA VAL A 701 -18.88 17.92 -53.04
C VAL A 701 -18.97 19.23 -52.28
N SER A 702 -18.82 19.17 -50.96
CA SER A 702 -18.70 20.34 -50.10
C SER A 702 -17.58 20.07 -49.11
N ASN A 703 -16.58 20.94 -49.09
CA ASN A 703 -15.35 20.67 -48.35
C ASN A 703 -15.59 20.79 -46.85
N ARG A 704 -16.37 19.87 -46.30
CA ARG A 704 -16.69 19.86 -44.88
C ARG A 704 -16.83 18.41 -44.42
N PHE A 705 -16.70 18.21 -43.12
CA PHE A 705 -16.67 16.86 -42.57
C PHE A 705 -18.08 16.32 -42.37
N THR A 706 -18.16 15.05 -41.98
CA THR A 706 -19.40 14.30 -41.89
C THR A 706 -19.60 13.73 -40.50
N GLU A 707 -20.55 12.80 -40.36
CA GLU A 707 -20.83 12.19 -39.07
C GLU A 707 -19.65 11.36 -38.59
N LEU A 708 -19.81 10.76 -37.40
CA LEU A 708 -18.68 10.13 -36.72
C LEU A 708 -18.24 8.83 -37.38
N LEU A 709 -19.18 8.02 -37.88
CA LEU A 709 -18.88 6.79 -38.62
C LEU A 709 -18.04 5.83 -37.78
N THR A 710 -18.66 5.37 -36.69
CA THR A 710 -17.97 4.54 -35.72
C THR A 710 -17.53 3.20 -36.32
N ASN A 711 -18.37 2.59 -37.14
CA ASN A 711 -18.18 1.21 -37.58
C ASN A 711 -17.45 1.14 -38.91
N VAL A 712 -17.19 -0.10 -39.34
CA VAL A 712 -16.52 -0.33 -40.62
C VAL A 712 -17.52 -0.74 -41.70
N ASP A 713 -18.66 -1.32 -41.30
CA ASP A 713 -19.70 -1.65 -42.27
C ASP A 713 -20.21 -0.40 -42.97
N ASP A 714 -20.39 0.69 -42.22
CA ASP A 714 -20.77 1.95 -42.83
C ASP A 714 -19.70 2.43 -43.80
N LEU A 715 -18.42 2.23 -43.47
CA LEU A 715 -17.35 2.62 -44.36
C LEU A 715 -17.41 1.84 -45.67
N THR A 716 -17.66 0.54 -45.59
CA THR A 716 -17.73 -0.27 -46.81
C THR A 716 -18.91 0.12 -47.68
N TRP A 717 -20.02 0.53 -47.08
CA TRP A 717 -21.25 0.84 -47.80
C TRP A 717 -21.49 2.35 -47.89
N SER A 718 -20.43 3.13 -48.06
CA SER A 718 -20.53 4.57 -48.18
C SER A 718 -19.74 5.06 -49.39
N CYS A 719 -20.29 6.07 -50.07
CA CYS A 719 -19.64 6.70 -51.21
C CYS A 719 -20.19 8.09 -51.37
N ASP A 720 -19.41 8.95 -52.04
CA ASP A 720 -19.81 10.34 -52.26
C ASP A 720 -20.65 10.46 -53.54
N PRO A 746 -9.41 4.75 -55.47
CA PRO A 746 -9.07 5.76 -54.47
C PRO A 746 -9.70 7.12 -54.78
N LEU A 747 -10.48 7.21 -55.85
CA LEU A 747 -11.20 8.45 -56.14
C LEU A 747 -12.36 8.65 -55.18
N ASP A 748 -13.08 7.58 -54.87
CA ASP A 748 -14.17 7.66 -53.89
C ASP A 748 -13.57 7.85 -52.49
N PRO A 749 -14.07 8.81 -51.71
CA PRO A 749 -13.43 9.09 -50.41
C PRO A 749 -13.52 7.95 -49.42
N TYR A 750 -14.71 7.42 -49.18
CA TYR A 750 -14.88 6.39 -48.15
C TYR A 750 -14.10 5.13 -48.49
N ARG A 751 -14.17 4.70 -49.76
CA ARG A 751 -13.42 3.52 -50.16
C ARG A 751 -11.91 3.78 -50.14
N ALA A 752 -11.49 5.01 -50.43
CA ALA A 752 -10.08 5.35 -50.30
C ALA A 752 -9.62 5.23 -48.85
N ALA A 753 -10.42 5.75 -47.91
CA ALA A 753 -10.08 5.64 -46.50
C ALA A 753 -10.05 4.19 -46.03
N LEU A 754 -10.99 3.38 -46.52
CA LEU A 754 -10.96 1.95 -46.24
C LEU A 754 -9.69 1.32 -46.79
N TYR A 755 -9.27 1.74 -47.98
CA TYR A 755 -8.02 1.24 -48.55
C TYR A 755 -6.83 1.61 -47.67
N VAL A 756 -6.81 2.84 -47.15
CA VAL A 756 -5.74 3.26 -46.27
C VAL A 756 -5.71 2.40 -45.01
N MET A 757 -6.87 2.22 -44.38
CA MET A 757 -6.92 1.41 -43.16
C MET A 757 -6.63 -0.05 -43.45
N ALA A 758 -6.75 -0.48 -44.72
CA ALA A 758 -6.51 -1.88 -45.06
C ALA A 758 -5.05 -2.17 -45.38
N SER A 759 -4.41 -1.34 -46.20
CA SER A 759 -3.10 -1.66 -46.76
C SER A 759 -2.13 -0.48 -46.64
N CYS A 760 -2.07 0.13 -45.46
CA CYS A 760 -1.08 1.17 -45.16
C CYS A 760 -0.27 0.81 -43.92
N HIS A 761 0.18 -0.45 -43.86
CA HIS A 761 0.86 -0.94 -42.68
C HIS A 761 2.07 -1.75 -43.10
N SER A 762 2.78 -2.29 -42.10
CA SER A 762 3.89 -3.21 -42.31
C SER A 762 3.75 -4.42 -41.41
N LEU A 763 2.51 -4.83 -41.14
CA LEU A 763 2.25 -5.96 -40.25
C LEU A 763 2.67 -7.27 -40.89
N ARG A 764 3.10 -8.21 -40.05
CA ARG A 764 3.46 -9.55 -40.49
C ARG A 764 2.65 -10.57 -39.71
N ILE A 765 2.28 -11.66 -40.39
CA ILE A 765 1.35 -12.63 -39.84
C ILE A 765 2.13 -13.74 -39.14
N VAL A 766 1.77 -13.98 -37.88
CA VAL A 766 2.26 -15.13 -37.13
C VAL A 766 1.07 -15.81 -36.47
N ASP A 767 1.00 -17.15 -36.59
CA ASP A 767 -0.04 -17.95 -35.95
C ASP A 767 -1.45 -17.51 -36.35
N GLY A 768 -1.58 -16.96 -37.55
CA GLY A 768 -2.88 -16.50 -38.03
C GLY A 768 -3.31 -15.13 -37.54
N VAL A 769 -2.47 -14.45 -36.76
CA VAL A 769 -2.78 -13.09 -36.31
C VAL A 769 -1.67 -12.17 -36.79
N ALA A 770 -1.78 -10.88 -36.48
CA ALA A 770 -0.87 -9.87 -37.01
C ALA A 770 -0.02 -9.29 -35.88
N VAL A 771 1.25 -9.04 -36.18
CA VAL A 771 2.17 -8.39 -35.27
C VAL A 771 2.93 -7.31 -36.01
N GLY A 772 3.45 -6.34 -35.25
CA GLY A 772 4.12 -5.18 -35.81
C GLY A 772 3.96 -3.98 -34.91
N ASP A 773 3.76 -2.80 -35.50
CA ASP A 773 3.55 -1.61 -34.70
C ASP A 773 2.21 -1.70 -33.97
N PRO A 774 2.16 -1.31 -32.69
CA PRO A 774 0.92 -1.49 -31.91
C PRO A 774 -0.27 -0.75 -32.47
N LEU A 775 -0.08 0.43 -33.07
CA LEU A 775 -1.21 1.20 -33.56
C LEU A 775 -1.81 0.62 -34.84
N GLU A 776 -0.99 0.03 -35.70
CA GLU A 776 -1.51 -0.58 -36.92
C GLU A 776 -2.37 -1.80 -36.62
N VAL A 777 -2.01 -2.56 -35.57
CA VAL A 777 -2.73 -3.79 -35.26
C VAL A 777 -4.19 -3.49 -34.95
N LYS A 778 -4.45 -2.45 -34.15
CA LYS A 778 -5.81 -2.13 -33.78
C LYS A 778 -6.65 -1.76 -35.00
N MET A 779 -6.09 -0.96 -35.91
CA MET A 779 -6.80 -0.60 -37.13
C MET A 779 -7.11 -1.85 -37.96
N PHE A 780 -6.12 -2.73 -38.11
CA PHE A 780 -6.34 -3.92 -38.92
C PHE A 780 -7.44 -4.79 -38.32
N GLU A 781 -7.42 -4.98 -36.99
CA GLU A 781 -8.47 -5.75 -36.33
C GLU A 781 -9.83 -5.08 -36.51
N PHE A 782 -9.87 -3.74 -36.44
CA PHE A 782 -11.14 -3.05 -36.65
C PHE A 782 -11.68 -3.28 -38.05
N THR A 783 -10.80 -3.28 -39.06
CA THR A 783 -11.26 -3.58 -40.42
C THR A 783 -11.82 -5.00 -40.51
N GLY A 784 -11.16 -5.96 -39.89
CA GLY A 784 -11.57 -7.34 -39.98
C GLY A 784 -11.12 -8.05 -41.24
N TRP A 785 -10.28 -7.42 -42.05
CA TRP A 785 -9.85 -7.98 -43.32
C TRP A 785 -8.67 -8.94 -43.07
N SER A 786 -8.01 -9.36 -44.14
CA SER A 786 -6.90 -10.31 -44.03
C SER A 786 -5.71 -9.80 -44.84
N TYR A 787 -4.56 -10.41 -44.60
CA TYR A 787 -3.33 -10.03 -45.28
C TYR A 787 -2.60 -11.26 -45.82
N PHE A 791 2.23 -10.09 -50.51
CA PHE A 791 2.36 -8.64 -50.51
C PHE A 791 1.04 -7.95 -50.87
N ILE A 792 -0.05 -8.71 -50.79
CA ILE A 792 -1.39 -8.19 -51.02
C ILE A 792 -2.24 -8.48 -49.80
N ALA A 793 -3.26 -7.66 -49.58
CA ALA A 793 -4.20 -7.84 -48.49
C ALA A 793 -5.47 -8.47 -49.02
N GLY A 794 -5.79 -9.67 -48.52
CA GLY A 794 -6.98 -10.38 -48.95
C GLY A 794 -8.22 -9.85 -48.23
N GLU A 795 -9.23 -9.49 -49.00
CA GLU A 795 -10.44 -8.94 -48.43
C GLU A 795 -11.25 -10.04 -47.74
N VAL A 796 -12.08 -9.60 -46.78
CA VAL A 796 -13.00 -10.54 -46.13
C VAL A 796 -14.04 -11.01 -47.14
N ILE A 797 -14.51 -12.24 -46.95
CA ILE A 797 -15.47 -12.82 -47.88
C ILE A 797 -16.77 -12.03 -47.90
N SER A 798 -17.25 -11.61 -46.72
CA SER A 798 -18.48 -10.83 -46.63
C SER A 798 -18.21 -9.36 -46.91
N ALA A 826 -19.01 -3.64 -55.06
CA ALA A 826 -18.00 -4.69 -55.09
C ALA A 826 -16.62 -4.12 -54.73
N PRO A 827 -16.09 -4.52 -53.58
CA PRO A 827 -14.78 -4.04 -53.16
C PRO A 827 -13.66 -4.85 -53.80
N PRO A 828 -12.79 -4.21 -54.57
CA PRO A 828 -11.66 -4.92 -55.18
C PRO A 828 -10.46 -4.97 -54.25
N ALA A 829 -9.62 -5.97 -54.49
CA ALA A 829 -8.40 -6.14 -53.73
C ALA A 829 -7.30 -5.23 -54.27
N VAL A 830 -6.22 -5.12 -53.51
CA VAL A 830 -5.11 -4.25 -53.87
C VAL A 830 -3.81 -5.06 -53.85
N GLY A 831 -2.84 -4.61 -54.62
CA GLY A 831 -1.54 -5.27 -54.67
C GLY A 831 -0.39 -4.29 -54.53
N VAL A 832 0.41 -4.47 -53.48
CA VAL A 832 1.46 -3.52 -53.13
C VAL A 832 2.67 -3.76 -54.00
N LEU A 833 3.19 -2.70 -54.61
CA LEU A 833 4.45 -2.73 -55.32
C LEU A 833 5.64 -2.41 -54.41
N ARG A 834 5.52 -1.38 -53.58
CA ARG A 834 6.58 -1.05 -52.64
C ARG A 834 5.99 -0.16 -51.54
N ALA A 835 6.81 0.13 -50.53
CA ALA A 835 6.35 0.96 -49.44
C ALA A 835 7.54 1.62 -48.76
N PHE A 836 7.35 2.87 -48.34
CA PHE A 836 8.30 3.58 -47.49
C PHE A 836 7.72 3.60 -46.08
N ASP A 837 8.39 2.92 -45.16
CA ASP A 837 7.91 2.81 -43.78
C ASP A 837 7.90 4.18 -43.11
N PHE A 838 7.34 4.20 -41.90
CA PHE A 838 7.26 5.44 -41.14
C PHE A 838 8.65 6.03 -40.94
N ASN A 839 8.78 7.32 -41.26
CA ASN A 839 10.06 8.02 -41.15
C ASN A 839 10.10 8.77 -39.83
N PRO A 840 11.14 8.60 -39.02
CA PRO A 840 11.20 9.33 -37.74
C PRO A 840 11.19 10.85 -37.91
N LEU A 841 11.80 11.36 -38.99
CA LEU A 841 11.88 12.80 -39.17
C LEU A 841 10.68 13.35 -39.95
N LEU A 842 10.26 12.67 -41.02
CA LEU A 842 9.10 13.12 -41.77
C LEU A 842 7.79 12.82 -41.04
N ARG A 843 7.78 11.79 -40.20
CA ARG A 843 6.62 11.44 -39.38
C ARG A 843 5.41 11.08 -40.24
N ARG A 844 5.64 10.17 -41.20
CA ARG A 844 4.56 9.64 -42.03
C ARG A 844 5.06 8.38 -42.72
N SER A 845 4.11 7.65 -43.31
CA SER A 845 4.42 6.42 -44.04
C SER A 845 3.65 6.43 -45.35
N SER A 846 4.18 5.71 -46.35
CA SER A 846 3.58 5.66 -47.67
C SER A 846 3.65 4.26 -48.24
N VAL A 847 2.64 3.91 -49.03
CA VAL A 847 2.60 2.62 -49.73
C VAL A 847 2.19 2.87 -51.17
N ILE A 848 3.01 2.39 -52.11
CA ILE A 848 2.70 2.46 -53.53
C ILE A 848 2.23 1.07 -53.97
N ALA A 849 0.97 1.01 -54.41
CA ALA A 849 0.34 -0.24 -54.80
C ALA A 849 -0.35 -0.05 -56.15
N ARG A 850 -0.96 -1.12 -56.64
CA ARG A 850 -1.72 -1.06 -57.88
C ARG A 850 -2.92 -1.98 -57.76
N VAL A 851 -4.12 -1.41 -57.75
CA VAL A 851 -5.34 -2.22 -57.83
C VAL A 851 -5.39 -2.90 -59.18
N VAL A 852 -5.92 -4.12 -59.20
CA VAL A 852 -5.92 -4.93 -60.41
C VAL A 852 -6.68 -4.23 -61.53
N GLY A 853 -7.80 -3.59 -61.20
CA GLY A 853 -8.66 -3.01 -62.23
C GLY A 853 -8.00 -1.89 -63.01
N ASN A 854 -7.34 -0.97 -62.32
CA ASN A 854 -6.80 0.23 -62.96
C ASN A 854 -5.40 -0.04 -63.51
N SER A 855 -5.16 0.46 -64.73
CA SER A 855 -3.83 0.36 -65.32
C SER A 855 -2.81 1.17 -64.52
N GLY A 856 -3.19 2.38 -64.11
CA GLY A 856 -2.33 3.18 -63.27
C GLY A 856 -2.38 2.77 -61.82
N GLY A 857 -1.30 3.07 -61.09
CA GLY A 857 -1.17 2.71 -59.71
C GLY A 857 -1.65 3.82 -58.78
N TYR A 858 -1.48 3.57 -57.48
CA TYR A 858 -1.90 4.51 -56.45
C TYR A 858 -0.85 4.56 -55.34
N ALA A 859 -0.82 5.67 -54.64
CA ALA A 859 0.06 5.88 -53.50
C ALA A 859 -0.76 6.42 -52.34
N LEU A 860 -0.65 5.76 -51.19
CA LEU A 860 -1.41 6.11 -50.00
C LEU A 860 -0.45 6.53 -48.90
N VAL A 861 -0.69 7.69 -48.31
CA VAL A 861 0.20 8.27 -47.31
C VAL A 861 -0.58 8.56 -46.04
N LYS A 862 -0.04 8.14 -44.91
CA LYS A 862 -0.69 8.27 -43.62
C LYS A 862 0.27 8.89 -42.61
N GLY A 863 -0.19 9.87 -41.86
CA GLY A 863 0.72 10.52 -40.94
C GLY A 863 0.05 11.56 -40.06
N SER A 864 0.89 12.24 -39.27
CA SER A 864 0.45 13.28 -38.34
C SER A 864 -0.10 14.49 -39.08
N PRO A 865 -1.12 15.15 -38.52
CA PRO A 865 -1.73 16.29 -39.23
C PRO A 865 -0.93 17.57 -39.15
N GLU A 866 0.13 17.63 -38.34
CA GLU A 866 0.86 18.88 -38.19
C GLU A 866 1.80 19.13 -39.36
N CYS A 867 2.56 18.12 -39.77
CA CYS A 867 3.46 18.23 -40.91
C CYS A 867 2.80 17.84 -42.23
N MET A 868 1.54 17.38 -42.19
CA MET A 868 0.84 17.08 -43.42
C MET A 868 0.63 18.27 -44.34
N PRO A 869 0.23 19.47 -43.86
CA PRO A 869 -0.02 20.58 -44.79
C PRO A 869 1.17 20.96 -45.65
N GLU A 870 2.39 20.71 -45.19
CA GLU A 870 3.57 21.03 -46.00
C GLU A 870 3.83 20.00 -47.09
N ILE A 871 2.88 19.09 -47.34
CA ILE A 871 3.02 18.07 -48.36
C ILE A 871 1.85 18.11 -49.31
N CYS A 872 0.63 18.09 -48.78
CA CYS A 872 -0.57 17.98 -49.58
C CYS A 872 -0.99 19.34 -50.15
N ARG A 873 -1.92 19.29 -51.09
CA ARG A 873 -2.41 20.51 -51.71
C ARG A 873 -3.32 21.27 -50.76
N PRO A 874 -3.11 22.58 -50.60
CA PRO A 874 -4.00 23.37 -49.73
C PRO A 874 -5.44 23.35 -50.15
N GLU A 875 -5.73 23.16 -51.45
CA GLU A 875 -7.11 23.04 -51.89
C GLU A 875 -7.80 21.84 -51.26
N THR A 876 -7.06 20.73 -51.11
CA THR A 876 -7.64 19.54 -50.49
C THR A 876 -7.88 19.72 -49.00
N LEU A 877 -7.12 20.59 -48.36
CA LEU A 877 -7.32 20.85 -46.93
C LEU A 877 -8.59 21.67 -46.73
N PRO A 878 -9.56 21.17 -45.96
CA PRO A 878 -10.82 21.90 -45.80
C PRO A 878 -10.68 23.13 -44.92
N SER A 879 -11.79 23.84 -44.70
CA SER A 879 -11.81 24.94 -43.75
C SER A 879 -11.85 24.46 -42.31
N ASP A 880 -12.29 23.23 -42.08
CA ASP A 880 -12.46 22.68 -40.74
C ASP A 880 -11.19 22.04 -40.18
N PHE A 881 -10.07 22.14 -40.88
CA PHE A 881 -8.86 21.43 -40.47
C PHE A 881 -8.42 21.83 -39.06
N ASP A 882 -8.07 23.11 -38.87
CA ASP A 882 -7.36 23.53 -37.67
C ASP A 882 -8.24 23.41 -36.43
N GLU A 883 -9.47 23.92 -36.48
CA GLU A 883 -10.33 23.91 -35.30
C GLU A 883 -10.77 22.51 -34.93
N LEU A 884 -11.02 21.65 -35.92
CA LEU A 884 -11.38 20.27 -35.60
C LEU A 884 -10.19 19.51 -35.02
N LEU A 885 -8.99 19.75 -35.55
CA LEU A 885 -7.79 19.15 -34.98
C LEU A 885 -7.61 19.61 -33.54
N SER A 886 -7.82 20.89 -33.27
CA SER A 886 -7.72 21.40 -31.90
C SER A 886 -8.77 20.75 -31.00
N TYR A 887 -10.00 20.59 -31.52
CA TYR A 887 -11.06 19.98 -30.73
C TYR A 887 -10.70 18.55 -30.33
N TYR A 888 -10.25 17.75 -31.30
CA TYR A 888 -9.88 16.38 -30.97
C TYR A 888 -8.66 16.31 -30.06
N THR A 889 -7.64 17.13 -30.31
CA THR A 889 -6.44 17.06 -29.48
C THR A 889 -6.73 17.48 -28.05
N HIS A 890 -7.55 18.52 -27.86
CA HIS A 890 -7.83 19.00 -26.52
C HIS A 890 -8.57 17.96 -25.69
N ALA A 891 -9.49 17.21 -26.29
CA ALA A 891 -10.19 16.17 -25.58
C ALA A 891 -9.29 15.00 -25.20
N GLY A 892 -8.09 14.92 -25.77
CA GLY A 892 -7.11 13.92 -25.38
C GLY A 892 -6.87 12.80 -26.36
N TYR A 893 -7.54 12.78 -27.50
CA TYR A 893 -7.37 11.71 -28.46
C TYR A 893 -6.05 11.85 -29.21
N ARG A 894 -5.67 10.81 -29.94
CA ARG A 894 -4.57 10.86 -30.88
C ARG A 894 -5.14 10.73 -32.28
N VAL A 895 -4.84 11.70 -33.14
CA VAL A 895 -5.43 11.79 -34.47
C VAL A 895 -4.36 11.52 -35.51
N ILE A 896 -4.72 10.78 -36.55
CA ILE A 896 -3.85 10.51 -37.68
C ILE A 896 -4.66 10.79 -38.95
N ALA A 897 -4.01 11.30 -39.98
CA ALA A 897 -4.70 11.68 -41.20
C ALA A 897 -4.21 10.85 -42.38
N CYS A 898 -5.10 10.67 -43.35
CA CYS A 898 -4.84 9.83 -44.50
C CYS A 898 -4.95 10.65 -45.79
N ALA A 899 -4.23 10.20 -46.82
CA ALA A 899 -4.21 10.89 -48.10
C ALA A 899 -3.92 9.89 -49.21
N THR A 900 -4.38 10.23 -50.42
CA THR A 900 -4.30 9.34 -51.57
C THR A 900 -3.79 10.10 -52.78
N LYS A 901 -3.21 9.35 -53.74
CA LYS A 901 -2.76 9.91 -55.00
C LYS A 901 -2.79 8.84 -56.07
N ARG A 902 -3.00 9.27 -57.31
CA ARG A 902 -3.06 8.38 -58.47
C ARG A 902 -1.84 8.62 -59.35
N ILE A 903 -1.18 7.53 -59.76
CA ILE A 903 -0.07 7.56 -60.69
C ILE A 903 -0.57 6.97 -62.02
N PRO A 904 -0.79 7.78 -63.06
CA PRO A 904 -1.38 7.23 -64.29
C PRO A 904 -0.55 6.14 -64.95
N LYS A 905 0.78 6.22 -64.86
CA LYS A 905 1.67 5.26 -65.49
C LYS A 905 2.73 4.81 -64.49
N LEU A 906 2.86 3.49 -64.31
CA LEU A 906 3.86 2.93 -63.41
C LEU A 906 4.16 1.51 -63.85
N ASN A 907 5.37 1.04 -63.57
CA ASN A 907 5.81 -0.29 -63.97
C ASN A 907 6.89 -0.76 -63.00
N LEU A 908 7.55 -1.86 -63.35
CA LEU A 908 8.59 -2.45 -62.52
C LEU A 908 9.88 -1.62 -62.50
N VAL A 909 10.04 -0.70 -63.44
CA VAL A 909 11.25 0.10 -63.54
C VAL A 909 11.08 1.47 -62.90
N SER A 910 9.87 2.04 -62.96
CA SER A 910 9.65 3.37 -62.41
C SER A 910 9.87 3.39 -60.90
N VAL A 911 9.40 2.37 -60.19
CA VAL A 911 9.48 2.37 -58.73
C VAL A 911 10.94 2.40 -58.28
N ASN A 912 11.81 1.64 -58.94
CA ASN A 912 13.23 1.66 -58.60
C ASN A 912 13.93 2.93 -59.08
N ARG A 913 13.26 3.73 -59.91
CA ARG A 913 13.91 4.91 -60.48
C ARG A 913 13.58 6.17 -59.68
N MET A 914 12.39 6.23 -59.08
CA MET A 914 11.91 7.43 -58.42
C MET A 914 11.77 7.19 -56.92
N THR A 915 12.12 8.21 -56.13
CA THR A 915 12.25 8.11 -54.69
C THR A 915 10.99 8.62 -53.99
N ARG A 916 11.07 8.74 -52.66
CA ARG A 916 9.91 9.13 -51.86
C ARG A 916 9.53 10.59 -52.08
N ASP A 917 10.49 11.43 -52.46
CA ASP A 917 10.22 12.85 -52.62
C ASP A 917 9.14 13.10 -53.67
N GLU A 918 9.23 12.39 -54.80
CA GLU A 918 8.20 12.53 -55.83
C GLU A 918 6.89 11.88 -55.39
N VAL A 919 6.95 10.87 -54.53
CA VAL A 919 5.73 10.21 -54.06
C VAL A 919 4.92 11.17 -53.19
N GLU A 920 5.58 11.81 -52.22
CA GLU A 920 4.85 12.53 -51.19
C GLU A 920 4.17 13.78 -51.72
N SER A 921 4.89 14.59 -52.51
CA SER A 921 4.42 15.92 -52.84
C SER A 921 3.11 15.87 -53.64
N GLY A 922 2.17 16.74 -53.26
CA GLY A 922 0.92 16.89 -53.99
C GLY A 922 -0.08 15.77 -53.79
N LEU A 923 -0.57 15.60 -52.56
CA LEU A 923 -1.54 14.57 -52.26
C LEU A 923 -2.94 15.16 -52.12
N ASP A 924 -3.90 14.30 -51.79
CA ASP A 924 -5.29 14.70 -51.58
C ASP A 924 -5.72 14.29 -50.18
N PHE A 925 -6.13 15.27 -49.39
CA PHE A 925 -6.60 14.99 -48.03
C PHE A 925 -7.83 14.12 -48.06
N VAL A 926 -7.87 13.11 -47.20
CA VAL A 926 -8.99 12.18 -47.16
C VAL A 926 -9.75 12.30 -45.85
N GLY A 927 -9.11 11.97 -44.74
CA GLY A 927 -9.85 11.96 -43.49
C GLY A 927 -8.96 11.76 -42.28
N PHE A 928 -9.61 11.82 -41.12
CA PHE A 928 -9.00 11.60 -39.82
C PHE A 928 -9.46 10.26 -39.23
N ILE A 929 -8.51 9.48 -38.74
CA ILE A 929 -8.75 8.34 -37.88
C ILE A 929 -8.31 8.73 -36.48
N ILE A 930 -9.02 8.23 -35.47
CA ILE A 930 -8.87 8.70 -34.10
C ILE A 930 -8.71 7.51 -33.17
N PHE A 931 -7.78 7.62 -32.22
CA PHE A 931 -7.63 6.63 -31.18
C PHE A 931 -8.25 7.14 -29.88
N GLU A 932 -8.41 6.22 -28.93
CA GLU A 932 -9.07 6.56 -27.68
C GLU A 932 -8.71 5.53 -26.62
N ASN A 933 -8.35 6.00 -25.43
CA ASN A 933 -8.11 5.13 -24.29
C ASN A 933 -9.45 4.83 -23.64
N LYS A 934 -10.14 3.81 -24.17
CA LYS A 934 -11.50 3.52 -23.74
C LYS A 934 -11.51 2.80 -22.39
N LEU A 935 -12.43 3.19 -21.53
CA LEU A 935 -12.46 2.70 -20.16
C LEU A 935 -13.30 1.44 -20.04
N LYS A 936 -12.96 0.64 -19.03
CA LYS A 936 -13.56 -0.68 -18.85
C LYS A 936 -15.06 -0.55 -18.62
N PRO A 937 -15.85 -1.55 -19.02
CA PRO A 937 -17.32 -1.39 -19.00
C PRO A 937 -17.90 -1.10 -17.63
N THR A 938 -17.30 -1.60 -16.55
CA THR A 938 -17.91 -1.56 -15.23
C THR A 938 -17.19 -0.63 -14.26
N THR A 939 -16.70 0.52 -14.74
CA THR A 939 -16.04 1.45 -13.83
C THR A 939 -16.98 2.56 -13.38
N THR A 940 -17.79 3.08 -14.31
CA THR A 940 -18.68 4.19 -14.00
C THR A 940 -19.77 3.83 -13.00
N SER A 941 -19.97 2.54 -12.72
CA SER A 941 -20.91 2.12 -11.70
C SER A 941 -20.22 1.95 -10.35
N VAL A 942 -19.02 1.38 -10.34
CA VAL A 942 -18.29 1.21 -9.09
C VAL A 942 -17.92 2.56 -8.49
N ILE A 943 -17.49 3.50 -9.33
CA ILE A 943 -17.14 4.82 -8.81
C ILE A 943 -18.37 5.54 -8.30
N LYS A 944 -19.51 5.39 -8.99
CA LYS A 944 -20.75 5.97 -8.50
C LYS A 944 -21.14 5.40 -7.15
N GLU A 945 -21.00 4.09 -6.98
CA GLU A 945 -21.30 3.48 -5.68
C GLU A 945 -20.39 4.01 -4.60
N LEU A 946 -19.08 4.08 -4.88
CA LEU A 946 -18.14 4.58 -3.88
C LEU A 946 -18.43 6.03 -3.50
N LEU A 947 -18.82 6.85 -4.47
CA LEU A 947 -19.19 8.22 -4.15
C LEU A 947 -20.47 8.27 -3.32
N SER A 948 -21.45 7.42 -3.64
CA SER A 948 -22.69 7.40 -2.88
C SER A 948 -22.53 6.80 -1.49
N SER A 949 -21.40 6.15 -1.20
CA SER A 949 -21.15 5.60 0.12
C SER A 949 -20.27 6.51 0.97
N ASN A 950 -20.22 7.81 0.67
CA ASN A 950 -19.44 8.79 1.43
C ASN A 950 -17.96 8.40 1.49
N ILE A 951 -17.38 8.05 0.35
CA ILE A 951 -15.95 7.83 0.23
C ILE A 951 -15.46 8.62 -0.97
N GLY A 952 -14.55 9.56 -0.72
CA GLY A 952 -13.99 10.32 -1.82
C GLY A 952 -13.06 9.51 -2.68
N THR A 953 -12.89 9.95 -3.93
CA THR A 953 -12.04 9.27 -4.88
C THR A 953 -11.21 10.29 -5.64
N VAL A 954 -9.94 9.96 -5.88
CA VAL A 954 -9.04 10.80 -6.65
C VAL A 954 -8.29 9.94 -7.65
N MET A 955 -7.78 10.58 -8.70
CA MET A 955 -6.96 9.94 -9.71
C MET A 955 -5.52 10.38 -9.52
N ILE A 956 -4.60 9.42 -9.59
CA ILE A 956 -3.17 9.70 -9.51
C ILE A 956 -2.51 8.94 -10.65
N THR A 957 -2.30 9.60 -11.78
CA THR A 957 -1.85 8.94 -12.99
C THR A 957 -0.54 9.53 -13.49
N GLY A 958 0.13 8.76 -14.34
CA GLY A 958 1.35 9.19 -14.99
C GLY A 958 1.19 9.60 -16.44
N ASP A 959 -0.03 9.63 -16.95
CA ASP A 959 -0.31 9.96 -18.34
C ASP A 959 -0.52 11.47 -18.48
N ASN A 960 -1.03 11.92 -19.63
CA ASN A 960 -1.15 13.34 -19.92
C ASN A 960 -2.14 14.00 -18.98
N ILE A 961 -2.25 15.32 -19.12
CA ILE A 961 -3.17 16.13 -18.32
C ILE A 961 -4.43 16.47 -19.09
N ARG A 962 -4.54 16.05 -20.34
CA ARG A 962 -5.76 16.23 -21.13
C ARG A 962 -6.55 14.94 -21.28
N THR A 963 -5.88 13.80 -21.44
CA THR A 963 -6.56 12.53 -21.40
C THR A 963 -7.12 12.26 -20.00
N ALA A 964 -6.36 12.60 -18.97
CA ALA A 964 -6.78 12.32 -17.60
C ALA A 964 -8.06 13.05 -17.25
N VAL A 965 -8.17 14.33 -17.63
CA VAL A 965 -9.38 15.08 -17.29
C VAL A 965 -10.59 14.52 -18.02
N SER A 966 -10.42 14.12 -19.28
CA SER A 966 -11.56 13.58 -20.02
C SER A 966 -12.01 12.24 -19.47
N VAL A 967 -11.05 11.38 -19.11
CA VAL A 967 -11.42 10.10 -18.51
C VAL A 967 -12.05 10.31 -17.14
N ALA A 968 -11.61 11.32 -16.39
CA ALA A 968 -12.24 11.61 -15.11
C ALA A 968 -13.65 12.15 -15.31
N ARG A 969 -13.89 12.89 -16.39
CA ARG A 969 -15.25 13.33 -16.69
C ARG A 969 -16.14 12.16 -17.05
N GLN A 970 -15.64 11.24 -17.90
CA GLN A 970 -16.45 10.09 -18.30
C GLN A 970 -16.73 9.15 -17.13
N CYS A 971 -15.73 8.90 -16.28
CA CYS A 971 -15.86 7.91 -15.24
C CYS A 971 -16.85 8.34 -14.16
N GLY A 972 -16.71 9.57 -13.67
CA GLY A 972 -17.62 10.08 -12.67
C GLY A 972 -16.92 10.75 -11.50
N ILE A 973 -15.58 10.79 -11.55
CA ILE A 973 -14.82 11.40 -10.47
C ILE A 973 -15.14 12.88 -10.37
N ILE A 974 -15.17 13.57 -11.51
CA ILE A 974 -15.58 14.97 -11.59
C ILE A 974 -17.00 15.02 -12.13
N GLU A 975 -17.85 15.80 -11.47
CA GLU A 975 -19.24 15.90 -11.91
C GLU A 975 -19.30 16.53 -13.29
N GLU A 976 -20.38 16.22 -14.02
CA GLU A 976 -20.47 16.55 -15.44
C GLU A 976 -20.50 18.05 -15.69
N HIS A 977 -20.79 18.87 -14.68
CA HIS A 977 -21.00 20.30 -14.90
C HIS A 977 -19.99 21.19 -14.19
N ALA A 978 -19.09 20.63 -13.38
CA ALA A 978 -18.13 21.44 -12.64
C ALA A 978 -17.00 21.90 -13.56
N HIS A 979 -16.24 22.88 -13.09
CA HIS A 979 -15.07 23.39 -13.79
C HIS A 979 -13.81 22.73 -13.25
N CYS A 980 -12.70 22.95 -13.96
CA CYS A 980 -11.42 22.34 -13.60
C CYS A 980 -10.32 23.38 -13.74
N TYR A 981 -10.03 24.08 -12.66
CA TYR A 981 -8.94 25.05 -12.64
C TYR A 981 -7.61 24.35 -12.46
N MET A 982 -6.58 24.83 -13.16
CA MET A 982 -5.24 24.26 -13.11
C MET A 982 -4.21 25.37 -13.02
N PRO A 983 -3.08 25.10 -12.38
CA PRO A 983 -2.05 26.13 -12.19
C PRO A 983 -1.09 26.25 -13.36
N ARG A 984 -0.63 27.50 -13.58
CA ARG A 984 0.33 27.82 -14.62
C ARG A 984 1.41 28.72 -14.05
N PHE A 985 2.59 28.67 -14.65
CA PHE A 985 3.72 29.52 -14.27
C PHE A 985 3.62 30.83 -15.03
N ILE A 986 3.52 31.93 -14.30
CA ILE A 986 3.29 33.22 -14.95
C ILE A 986 4.54 34.09 -15.01
N GLU A 987 5.49 33.91 -14.08
CA GLU A 987 6.71 34.70 -14.09
C GLU A 987 7.96 33.88 -14.33
N GLY A 988 8.19 32.84 -13.54
CA GLY A 988 9.42 32.07 -13.65
C GLY A 988 9.15 30.57 -13.61
N ASN A 989 10.12 29.83 -14.11
CA ASN A 989 10.04 28.37 -14.13
C ASN A 989 10.22 27.82 -12.71
N ALA A 990 10.24 26.50 -12.58
CA ALA A 990 10.26 25.88 -11.26
C ALA A 990 11.60 26.01 -10.57
N ASP A 991 12.62 26.54 -11.25
CA ASP A 991 13.93 26.71 -10.61
C ASP A 991 13.90 27.83 -9.58
N ASP A 992 13.31 28.97 -9.93
CA ASP A 992 13.37 30.14 -9.06
C ASP A 992 12.56 29.92 -7.79
N CYS A 993 13.19 30.22 -6.65
CA CYS A 993 12.57 30.04 -5.34
C CYS A 993 11.46 31.06 -5.08
N ASN A 994 11.37 32.12 -5.88
CA ASN A 994 10.32 33.13 -5.73
C ASN A 994 9.64 33.32 -7.08
N ALA A 995 8.64 32.49 -7.35
CA ALA A 995 7.86 32.55 -8.58
C ALA A 995 6.40 32.76 -8.22
N LYS A 996 5.61 33.09 -9.24
CA LYS A 996 4.19 33.35 -9.07
C LYS A 996 3.38 32.37 -9.91
N LEU A 997 2.24 31.97 -9.39
CA LEU A 997 1.35 31.03 -10.04
C LEU A 997 0.05 31.71 -10.43
N ARG A 998 -0.58 31.21 -11.49
CA ARG A 998 -1.89 31.67 -11.91
C ARG A 998 -2.78 30.47 -12.12
N TRP A 999 -3.88 30.40 -11.37
CA TRP A 999 -4.79 29.26 -11.41
C TRP A 999 -5.86 29.55 -12.45
N GLU A 1000 -5.59 29.15 -13.69
CA GLU A 1000 -6.50 29.41 -14.79
C GLU A 1000 -7.59 28.34 -14.83
N SER A 1001 -8.56 28.51 -15.72
CA SER A 1001 -9.57 27.50 -15.99
C SER A 1001 -9.28 26.85 -17.33
N ILE A 1002 -9.77 25.62 -17.51
CA ILE A 1002 -9.45 24.87 -18.72
C ILE A 1002 -10.41 25.25 -19.85
N ASN A 1003 -11.72 25.09 -19.62
CA ASN A 1003 -12.69 25.37 -20.67
C ASN A 1003 -12.71 26.86 -21.01
N ASN A 1004 -12.84 27.72 -20.00
CA ASN A 1004 -12.93 29.16 -20.19
C ASN A 1004 -11.70 29.83 -19.60
N PRO A 1005 -10.75 30.27 -20.41
CA PRO A 1005 -9.47 30.73 -19.87
C PRO A 1005 -9.52 32.12 -19.24
N ALA A 1006 -10.72 32.64 -19.01
CA ALA A 1006 -10.86 33.94 -18.35
C ALA A 1006 -10.95 33.81 -16.83
N LEU A 1007 -11.77 32.88 -16.35
CA LEU A 1007 -11.98 32.73 -14.92
C LEU A 1007 -10.71 32.23 -14.23
N GLU A 1008 -10.47 32.72 -13.02
CA GLU A 1008 -9.27 32.37 -12.26
C GLU A 1008 -9.64 32.10 -10.81
N LEU A 1009 -8.62 31.76 -10.02
CA LEU A 1009 -8.74 31.57 -8.59
C LEU A 1009 -7.84 32.56 -7.87
N ASP A 1010 -8.24 32.96 -6.68
CA ASP A 1010 -7.43 33.87 -5.89
C ASP A 1010 -6.15 33.17 -5.45
N PRO A 1011 -4.99 33.53 -5.99
CA PRO A 1011 -3.75 32.78 -5.74
C PRO A 1011 -3.23 32.96 -4.31
N THR A 1023 -0.16 33.80 -1.32
CA THR A 1023 -0.65 35.17 -1.20
C THR A 1023 -2.13 35.20 -0.84
N ASP A 1024 -2.93 34.37 -1.52
CA ASP A 1024 -4.37 34.38 -1.32
C ASP A 1024 -4.87 32.94 -1.24
N ALA A 1025 -6.11 32.80 -0.78
CA ALA A 1025 -6.73 31.49 -0.62
C ALA A 1025 -7.43 31.07 -1.90
N SER A 1026 -7.36 29.77 -2.19
CA SER A 1026 -7.85 29.22 -3.46
C SER A 1026 -9.38 29.20 -3.46
N LEU A 1027 -9.96 30.32 -3.87
CA LEU A 1027 -11.39 30.51 -4.01
C LEU A 1027 -11.71 31.09 -5.37
N PRO A 1028 -12.91 30.86 -5.89
CA PRO A 1028 -13.27 31.45 -7.18
C PRO A 1028 -13.18 32.97 -7.13
N TYR A 1029 -12.79 33.56 -8.25
CA TYR A 1029 -12.40 34.95 -8.30
C TYR A 1029 -13.49 35.75 -9.02
N ASP A 1030 -13.75 36.95 -8.51
CA ASP A 1030 -14.81 37.81 -9.03
C ASP A 1030 -14.62 38.12 -10.52
N ILE A 1034 -18.94 27.80 -10.04
CA ILE A 1034 -19.05 28.68 -8.89
C ILE A 1034 -19.58 27.90 -7.69
N ARG A 1035 -20.37 26.86 -7.97
CA ARG A 1035 -20.86 26.00 -6.90
C ARG A 1035 -19.94 24.81 -6.70
N ASN A 1036 -19.46 24.20 -7.79
CA ASN A 1036 -18.54 23.08 -7.73
C ASN A 1036 -17.36 23.35 -8.65
N TYR A 1037 -16.17 22.91 -8.22
CA TYR A 1037 -14.97 23.01 -9.02
C TYR A 1037 -13.93 22.09 -8.42
N ALA A 1038 -12.86 21.85 -9.17
CA ALA A 1038 -11.86 20.87 -8.77
C ALA A 1038 -10.54 21.19 -9.44
N ILE A 1039 -9.55 21.57 -8.64
CA ILE A 1039 -8.20 21.80 -9.16
C ILE A 1039 -7.61 20.49 -9.66
N ALA A 1040 -7.00 20.55 -10.85
CA ALA A 1040 -6.35 19.40 -11.47
C ALA A 1040 -4.87 19.75 -11.64
N VAL A 1041 -4.06 19.41 -10.65
CA VAL A 1041 -2.67 19.81 -10.62
C VAL A 1041 -1.86 18.88 -11.52
N THR A 1042 -0.90 19.44 -12.25
CA THR A 1042 0.02 18.65 -13.04
C THR A 1042 1.11 18.09 -12.10
N GLY A 1043 2.15 17.51 -12.66
CA GLY A 1043 3.14 16.86 -11.83
C GLY A 1043 4.39 17.68 -11.60
N ASP A 1044 4.54 18.76 -12.34
CA ASP A 1044 5.71 19.62 -12.21
C ASP A 1044 5.48 20.76 -11.21
N VAL A 1045 4.27 21.31 -11.19
CA VAL A 1045 3.94 22.38 -10.25
C VAL A 1045 3.67 21.82 -8.86
N PHE A 1046 3.32 20.54 -8.75
CA PHE A 1046 3.06 19.96 -7.44
C PHE A 1046 4.31 19.97 -6.57
N ARG A 1047 5.47 19.66 -7.15
CA ARG A 1047 6.73 19.75 -6.42
C ARG A 1047 7.00 21.17 -5.95
N TRP A 1048 6.75 22.16 -6.82
CA TRP A 1048 6.95 23.54 -6.43
C TRP A 1048 6.03 23.94 -5.29
N ILE A 1049 4.76 23.48 -5.33
CA ILE A 1049 3.83 23.76 -4.24
C ILE A 1049 4.35 23.16 -2.94
N VAL A 1050 4.79 21.90 -2.99
CA VAL A 1050 5.26 21.25 -1.77
C VAL A 1050 6.49 21.96 -1.22
N ASP A 1051 7.34 22.49 -2.11
CA ASP A 1051 8.59 23.09 -1.65
C ASP A 1051 8.40 24.52 -1.15
N HIS A 1052 7.96 25.43 -2.03
CA HIS A 1052 8.02 26.86 -1.75
C HIS A 1052 6.67 27.47 -1.40
N ALA A 1053 5.63 26.66 -1.22
CA ALA A 1053 4.34 27.28 -0.94
C ALA A 1053 3.94 27.08 0.51
N PRO A 1054 3.15 27.99 1.09
CA PRO A 1054 2.76 27.86 2.49
C PRO A 1054 1.98 26.57 2.74
N THR A 1055 1.79 26.27 4.03
CA THR A 1055 1.10 25.04 4.40
C THR A 1055 -0.39 25.13 4.10
N ASP A 1056 -1.01 26.30 4.28
CA ASP A 1056 -2.45 26.40 4.13
C ASP A 1056 -2.88 26.23 2.68
N VAL A 1057 -2.13 26.81 1.75
CA VAL A 1057 -2.43 26.62 0.33
C VAL A 1057 -2.25 25.15 -0.05
N LEU A 1058 -1.23 24.50 0.50
CA LEU A 1058 -1.04 23.08 0.26
C LEU A 1058 -2.21 22.26 0.76
N HIS A 1059 -2.70 22.57 1.97
CA HIS A 1059 -3.83 21.82 2.53
C HIS A 1059 -5.09 22.03 1.69
N ARG A 1060 -5.34 23.26 1.26
CA ARG A 1060 -6.53 23.49 0.43
C ARG A 1060 -6.41 22.79 -0.92
N MET A 1061 -5.22 22.78 -1.51
CA MET A 1061 -5.04 22.05 -2.76
C MET A 1061 -5.27 20.56 -2.55
N LEU A 1062 -4.79 20.01 -1.43
CA LEU A 1062 -5.01 18.59 -1.14
C LEU A 1062 -6.50 18.30 -1.00
N VAL A 1063 -7.24 19.19 -0.34
CA VAL A 1063 -8.66 18.94 -0.14
C VAL A 1063 -9.42 19.02 -1.44
N LEU A 1064 -9.06 19.96 -2.33
CA LEU A 1064 -9.86 20.19 -3.53
C LEU A 1064 -9.41 19.37 -4.74
N GLY A 1065 -8.15 18.95 -4.80
CA GLY A 1065 -7.64 18.36 -6.02
C GLY A 1065 -8.23 16.98 -6.30
N LYS A 1066 -8.62 16.75 -7.55
CA LYS A 1066 -9.21 15.49 -7.99
C LYS A 1066 -8.35 14.71 -8.97
N VAL A 1067 -7.61 15.39 -9.84
CA VAL A 1067 -6.81 14.75 -10.88
C VAL A 1067 -5.36 15.14 -10.69
N TYR A 1068 -4.45 14.18 -10.86
CA TYR A 1068 -3.02 14.38 -10.65
C TYR A 1068 -2.26 13.63 -11.73
N ALA A 1069 -1.80 14.34 -12.75
CA ALA A 1069 -1.15 13.72 -13.90
C ALA A 1069 0.32 14.09 -13.97
N ARG A 1070 1.05 13.35 -14.80
CA ARG A 1070 2.48 13.55 -15.04
C ARG A 1070 3.30 13.41 -13.76
N MET A 1071 3.11 12.29 -13.07
CA MET A 1071 3.86 12.02 -11.84
C MET A 1071 4.65 10.73 -11.90
N SER A 1072 5.91 10.81 -11.47
CA SER A 1072 6.77 9.66 -11.28
C SER A 1072 6.38 8.92 -10.00
N PRO A 1073 6.86 7.68 -9.82
CA PRO A 1073 6.47 6.92 -8.62
C PRO A 1073 6.75 7.63 -7.31
N ASP A 1074 7.86 8.36 -7.21
CA ASP A 1074 8.20 9.04 -5.95
C ASP A 1074 7.14 10.06 -5.56
N GLU A 1075 6.65 10.82 -6.54
CA GLU A 1075 5.60 11.80 -6.24
C GLU A 1075 4.29 11.11 -5.89
N LYS A 1076 4.01 9.95 -6.49
CA LYS A 1076 2.85 9.17 -6.06
C LYS A 1076 2.95 8.81 -4.59
N GLN A 1077 4.09 8.27 -4.19
CA GLN A 1077 4.27 7.84 -2.80
C GLN A 1077 4.15 9.01 -1.84
N GLU A 1078 4.84 10.11 -2.12
CA GLU A 1078 4.84 11.19 -1.14
C GLU A 1078 3.54 11.98 -1.18
N LEU A 1079 2.79 11.90 -2.29
CA LEU A 1079 1.44 12.46 -2.30
C LEU A 1079 0.50 11.63 -1.43
N VAL A 1080 0.62 10.30 -1.47
CA VAL A 1080 -0.18 9.47 -0.58
C VAL A 1080 0.17 9.77 0.87
N LYS A 1081 1.47 9.98 1.16
CA LYS A 1081 1.86 10.34 2.51
C LYS A 1081 1.30 11.70 2.93
N LYS A 1082 1.31 12.67 2.00
CA LYS A 1082 0.72 13.97 2.31
C LYS A 1082 -0.78 13.85 2.60
N PHE A 1083 -1.47 12.98 1.86
CA PHE A 1083 -2.88 12.72 2.17
C PHE A 1083 -3.02 12.15 3.57
N GLN A 1084 -2.17 11.19 3.93
CA GLN A 1084 -2.27 10.58 5.26
C GLN A 1084 -1.95 11.57 6.36
N SER A 1085 -1.19 12.62 6.06
CA SER A 1085 -0.77 13.56 7.09
C SER A 1085 -1.84 14.58 7.47
N ILE A 1086 -3.04 14.51 6.89
CA ILE A 1086 -4.13 15.38 7.31
C ILE A 1086 -5.31 14.53 7.77
N ASP A 1087 -5.00 13.37 8.35
CA ASP A 1087 -5.95 12.49 9.02
C ASP A 1087 -6.84 11.72 8.04
N TYR A 1088 -6.46 11.66 6.78
CA TYR A 1088 -7.09 10.72 5.86
C TYR A 1088 -6.59 9.31 6.15
N SER A 1089 -7.32 8.33 5.61
CA SER A 1089 -6.88 6.94 5.60
C SER A 1089 -7.18 6.43 4.20
N CYS A 1090 -6.17 6.46 3.33
CA CYS A 1090 -6.36 6.28 1.90
C CYS A 1090 -5.81 4.94 1.44
N GLY A 1091 -6.54 4.30 0.52
CA GLY A 1091 -6.06 3.13 -0.17
C GLY A 1091 -5.55 3.48 -1.56
N PHE A 1092 -5.13 2.45 -2.28
CA PHE A 1092 -4.63 2.63 -3.64
C PHE A 1092 -5.20 1.52 -4.51
N CYS A 1093 -4.91 1.60 -5.81
CA CYS A 1093 -5.29 0.53 -6.75
C CYS A 1093 -4.47 0.71 -8.01
N GLY A 1094 -3.71 -0.30 -8.39
CA GLY A 1094 -2.87 -0.20 -9.58
C GLY A 1094 -2.39 -1.57 -10.01
N ASP A 1095 -1.77 -1.62 -11.19
CA ASP A 1095 -1.37 -2.89 -11.76
C ASP A 1095 -0.01 -2.84 -12.45
N GLY A 1096 0.91 -2.03 -11.94
CA GLY A 1096 2.21 -1.91 -12.58
C GLY A 1096 3.31 -1.64 -11.57
N ALA A 1097 4.54 -1.97 -11.97
CA ALA A 1097 5.70 -1.66 -11.16
C ALA A 1097 5.84 -0.17 -10.93
N ASN A 1098 5.22 0.64 -11.79
CA ASN A 1098 5.10 2.07 -11.56
C ASN A 1098 4.55 2.36 -10.16
N ASP A 1099 3.58 1.55 -9.72
CA ASP A 1099 2.78 1.86 -8.55
C ASP A 1099 3.37 1.37 -7.23
N CYS A 1100 4.37 0.47 -7.28
CA CYS A 1100 4.82 -0.27 -6.10
C CYS A 1100 4.90 0.56 -4.82
N ALA A 1101 5.60 1.71 -4.88
CA ALA A 1101 5.80 2.50 -3.69
C ALA A 1101 4.49 3.02 -3.11
N ALA A 1102 3.59 3.48 -3.98
CA ALA A 1102 2.30 3.98 -3.49
C ALA A 1102 1.45 2.84 -2.94
N LEU A 1103 1.64 1.62 -3.46
CA LEU A 1103 0.91 0.48 -2.93
C LEU A 1103 1.42 0.10 -1.55
N LYS A 1104 2.73 0.20 -1.32
CA LYS A 1104 3.27 -0.16 -0.01
C LYS A 1104 3.02 0.94 1.02
N ALA A 1105 3.06 2.21 0.62
CA ALA A 1105 2.95 3.30 1.57
C ALA A 1105 1.50 3.62 1.94
N ALA A 1106 0.53 3.11 1.19
CA ALA A 1106 -0.86 3.39 1.49
C ALA A 1106 -1.36 2.48 2.60
N ASP A 1107 -2.49 2.85 3.19
CA ASP A 1107 -3.05 2.08 4.30
C ASP A 1107 -3.45 0.68 3.84
N VAL A 1108 -4.12 0.57 2.70
CA VAL A 1108 -4.50 -0.71 2.12
C VAL A 1108 -4.32 -0.59 0.61
N GLY A 1109 -3.46 -1.42 0.04
CA GLY A 1109 -3.18 -1.34 -1.37
C GLY A 1109 -3.57 -2.58 -2.15
N ILE A 1110 -4.57 -2.45 -3.01
CA ILE A 1110 -5.04 -3.57 -3.82
C ILE A 1110 -4.32 -3.55 -5.17
N SER A 1111 -3.65 -4.64 -5.52
CA SER A 1111 -3.04 -4.76 -6.82
C SER A 1111 -4.05 -5.35 -7.81
N LEU A 1112 -3.64 -5.45 -9.07
CA LEU A 1112 -4.49 -6.04 -10.10
C LEU A 1112 -3.71 -6.96 -11.03
N SER A 1113 -2.54 -7.43 -10.63
CA SER A 1113 -1.72 -8.27 -11.49
C SER A 1113 -0.99 -9.28 -10.63
N GLU A 1114 -0.07 -10.01 -11.27
CA GLU A 1114 0.69 -11.06 -10.61
C GLU A 1114 2.19 -10.93 -10.82
N ALA A 1115 2.65 -9.85 -11.44
CA ALA A 1115 4.07 -9.66 -11.74
C ALA A 1115 4.52 -8.28 -11.32
N GLU A 1116 5.63 -8.23 -10.57
CA GLU A 1116 6.44 -7.03 -10.25
C GLU A 1116 5.63 -5.94 -9.56
N ALA A 1117 4.36 -6.19 -9.26
CA ALA A 1117 3.51 -5.24 -8.57
C ALA A 1117 2.79 -5.83 -7.37
N SER A 1118 2.63 -7.15 -7.32
CA SER A 1118 2.02 -7.81 -6.17
C SER A 1118 3.03 -8.07 -5.05
N VAL A 1119 4.29 -7.69 -5.24
CA VAL A 1119 5.29 -7.92 -4.20
C VAL A 1119 5.02 -7.05 -2.99
N ALA A 1120 4.61 -5.80 -3.22
CA ALA A 1120 4.38 -4.86 -2.12
C ALA A 1120 2.93 -4.83 -1.68
N ALA A 1121 1.99 -4.94 -2.62
CA ALA A 1121 0.58 -4.78 -2.28
C ALA A 1121 0.12 -5.90 -1.35
N PRO A 1122 -0.60 -5.58 -0.28
CA PRO A 1122 -1.14 -6.66 0.57
C PRO A 1122 -2.06 -7.61 -0.16
N PHE A 1123 -3.08 -7.09 -0.84
CA PHE A 1123 -4.04 -7.91 -1.56
C PHE A 1123 -3.64 -8.05 -3.03
N THR A 1124 -4.25 -9.00 -3.71
CA THR A 1124 -3.93 -9.26 -5.11
C THR A 1124 -5.19 -9.80 -5.78
N SER A 1125 -5.94 -8.94 -6.46
CA SER A 1125 -7.11 -9.39 -7.18
C SER A 1125 -6.70 -10.16 -8.43
N GLN A 1126 -7.69 -10.79 -9.06
CA GLN A 1126 -7.45 -11.53 -10.29
C GLN A 1126 -8.56 -11.34 -11.33
N ILE A 1127 -9.52 -10.45 -11.10
CA ILE A 1127 -10.55 -10.18 -12.10
C ILE A 1127 -10.24 -8.96 -12.94
N PHE A 1128 -9.20 -8.20 -12.58
CA PHE A 1128 -8.61 -7.14 -13.39
C PHE A 1128 -9.51 -5.91 -13.51
N ASP A 1129 -10.72 -5.98 -13.00
CA ASP A 1129 -11.61 -4.83 -12.93
C ASP A 1129 -11.55 -4.24 -11.53
N ILE A 1130 -12.08 -3.03 -11.38
CA ILE A 1130 -12.27 -2.47 -10.04
C ILE A 1130 -13.66 -2.90 -9.59
N ARG A 1131 -13.75 -4.14 -9.13
CA ARG A 1131 -14.89 -4.61 -8.37
C ARG A 1131 -14.47 -5.21 -7.04
N CYS A 1132 -13.18 -5.35 -6.78
CA CYS A 1132 -12.67 -5.90 -5.54
C CYS A 1132 -12.42 -4.83 -4.49
N VAL A 1133 -12.72 -3.57 -4.76
CA VAL A 1133 -12.59 -2.52 -3.76
C VAL A 1133 -13.78 -2.55 -2.80
N PRO A 1134 -15.04 -2.60 -3.28
CA PRO A 1134 -16.15 -2.76 -2.34
C PRO A 1134 -16.05 -4.05 -1.52
N GLU A 1135 -15.56 -5.13 -2.12
CA GLU A 1135 -15.40 -6.38 -1.38
C GLU A 1135 -14.47 -6.18 -0.19
N VAL A 1136 -13.31 -5.58 -0.44
CA VAL A 1136 -12.32 -5.40 0.63
C VAL A 1136 -12.85 -4.47 1.70
N ILE A 1137 -13.55 -3.40 1.30
CA ILE A 1137 -14.07 -2.46 2.30
C ILE A 1137 -15.13 -3.15 3.17
N ARG A 1138 -16.02 -3.93 2.55
CA ARG A 1138 -17.06 -4.61 3.30
C ARG A 1138 -16.46 -5.59 4.30
N GLU A 1139 -15.50 -6.41 3.84
CA GLU A 1139 -14.88 -7.37 4.74
C GLU A 1139 -14.09 -6.67 5.83
N GLY A 1140 -13.47 -5.54 5.54
CA GLY A 1140 -12.79 -4.80 6.58
C GLY A 1140 -13.72 -4.32 7.66
N ARG A 1141 -14.88 -3.78 7.28
CA ARG A 1141 -15.82 -3.30 8.28
C ARG A 1141 -16.35 -4.44 9.14
N ALA A 1142 -16.73 -5.55 8.51
CA ALA A 1142 -17.21 -6.70 9.27
C ALA A 1142 -16.14 -7.23 10.22
N SER A 1143 -14.90 -7.33 9.74
CA SER A 1143 -13.81 -7.83 10.58
C SER A 1143 -13.53 -6.90 11.75
N LEU A 1144 -13.65 -5.58 11.53
CA LEU A 1144 -13.42 -4.64 12.61
C LEU A 1144 -14.45 -4.81 13.72
N VAL A 1145 -15.73 -4.89 13.35
CA VAL A 1145 -16.76 -5.02 14.38
C VAL A 1145 -16.63 -6.37 15.08
N THR A 1146 -16.25 -7.42 14.35
CA THR A 1146 -16.07 -8.73 14.97
C THR A 1146 -14.91 -8.73 15.96
N SER A 1147 -13.80 -8.09 15.60
CA SER A 1147 -12.66 -8.04 16.50
C SER A 1147 -12.99 -7.29 17.79
N PHE A 1148 -13.70 -6.16 17.66
CA PHE A 1148 -14.08 -5.44 18.88
C PHE A 1148 -15.00 -6.28 19.76
N SER A 1149 -15.95 -6.97 19.15
CA SER A 1149 -16.86 -7.82 19.94
C SER A 1149 -16.10 -8.92 20.67
N CYS A 1150 -15.16 -9.57 19.99
CA CYS A 1150 -14.39 -10.62 20.64
C CYS A 1150 -13.56 -10.08 21.81
N PHE A 1151 -12.98 -8.89 21.64
CA PHE A 1151 -12.20 -8.31 22.74
C PHE A 1151 -13.08 -8.06 23.96
N LYS A 1152 -14.25 -7.47 23.75
CA LYS A 1152 -15.14 -7.23 24.88
C LYS A 1152 -15.55 -8.53 25.55
N TYR A 1153 -15.83 -9.56 24.75
CA TYR A 1153 -16.24 -10.84 25.33
C TYR A 1153 -15.14 -11.45 26.19
N MET A 1154 -13.90 -11.43 25.72
CA MET A 1154 -12.82 -12.03 26.50
C MET A 1154 -12.57 -11.23 27.78
N SER A 1155 -12.67 -9.90 27.72
CA SER A 1155 -12.51 -9.11 28.94
C SER A 1155 -13.59 -9.44 29.96
N LEU A 1156 -14.84 -9.56 29.51
CA LEU A 1156 -15.93 -9.93 30.43
C LEU A 1156 -15.70 -11.31 31.03
N TYR A 1157 -15.24 -12.27 30.21
CA TYR A 1157 -14.90 -13.60 30.73
C TYR A 1157 -13.89 -13.51 31.85
N SER A 1158 -12.81 -12.75 31.63
CA SER A 1158 -11.78 -12.59 32.65
C SER A 1158 -12.38 -12.05 33.94
N PHE A 1159 -13.19 -10.99 33.85
CA PHE A 1159 -13.74 -10.39 35.06
C PHE A 1159 -14.68 -11.34 35.79
N ILE A 1160 -15.50 -12.10 35.07
CA ILE A 1160 -16.43 -13.02 35.73
C ILE A 1160 -15.66 -14.09 36.49
N GLN A 1161 -14.65 -14.68 35.85
CA GLN A 1161 -13.87 -15.71 36.54
C GLN A 1161 -13.17 -15.13 37.75
N PHE A 1162 -12.62 -13.92 37.63
CA PHE A 1162 -11.94 -13.30 38.76
C PHE A 1162 -12.89 -13.06 39.91
N THR A 1163 -14.12 -12.61 39.63
CA THR A 1163 -15.06 -12.36 40.71
C THR A 1163 -15.47 -13.65 41.41
N SER A 1164 -15.70 -14.73 40.66
CA SER A 1164 -16.05 -15.99 41.29
C SER A 1164 -14.91 -16.49 42.19
N VAL A 1165 -13.68 -16.45 41.69
CA VAL A 1165 -12.56 -16.93 42.48
C VAL A 1165 -12.32 -16.04 43.70
N SER A 1166 -12.54 -14.73 43.56
CA SER A 1166 -12.36 -13.83 44.69
C SER A 1166 -13.41 -14.07 45.77
N PHE A 1167 -14.64 -14.39 45.37
CA PHE A 1167 -15.63 -14.78 46.37
C PHE A 1167 -15.23 -16.08 47.06
N LEU A 1168 -14.68 -17.03 46.30
CA LEU A 1168 -14.35 -18.32 46.90
C LEU A 1168 -13.16 -18.22 47.85
N TYR A 1169 -12.18 -17.38 47.55
CA TYR A 1169 -10.96 -17.31 48.37
C TYR A 1169 -11.17 -16.78 49.78
N VAL A 1170 -12.34 -16.21 50.11
CA VAL A 1170 -12.52 -15.65 51.43
C VAL A 1170 -12.50 -16.74 52.51
N SER A 1171 -12.52 -18.01 52.12
CA SER A 1171 -12.50 -19.12 53.06
C SER A 1171 -11.57 -20.24 52.61
N ALA A 1172 -10.59 -19.90 51.76
CA ALA A 1172 -9.59 -20.86 51.28
C ALA A 1172 -10.22 -22.00 50.48
N SER A 1173 -11.32 -21.72 49.79
CA SER A 1173 -11.92 -22.67 48.87
C SER A 1173 -11.60 -22.26 47.43
N ASN A 1174 -12.00 -23.10 46.48
CA ASN A 1174 -11.66 -22.88 45.08
C ASN A 1174 -12.54 -23.74 44.21
N LEU A 1175 -12.70 -23.33 42.95
CA LEU A 1175 -13.35 -24.17 41.96
C LEU A 1175 -12.51 -25.42 41.73
N GLY A 1176 -13.18 -26.53 41.45
CA GLY A 1176 -12.48 -27.78 41.23
C GLY A 1176 -11.59 -27.71 40.00
N ASP A 1177 -10.77 -28.75 39.85
CA ASP A 1177 -9.86 -28.79 38.71
C ASP A 1177 -10.52 -29.24 37.42
N PHE A 1178 -11.83 -29.51 37.45
CA PHE A 1178 -12.58 -29.86 36.25
C PHE A 1178 -13.65 -28.85 35.89
N GLN A 1179 -14.19 -28.11 36.87
CA GLN A 1179 -15.04 -26.98 36.54
C GLN A 1179 -14.26 -25.90 35.80
N PHE A 1180 -13.00 -25.68 36.18
CA PHE A 1180 -12.15 -24.81 35.38
C PHE A 1180 -12.04 -25.31 33.94
N LEU A 1181 -11.84 -26.61 33.76
CA LEU A 1181 -11.71 -27.14 32.41
C LEU A 1181 -12.99 -26.91 31.62
N TYR A 1182 -14.14 -27.22 32.22
CA TYR A 1182 -15.41 -27.03 31.53
C TYR A 1182 -15.59 -25.58 31.11
N ILE A 1183 -15.42 -24.64 32.05
CA ILE A 1183 -15.64 -23.23 31.75
C ILE A 1183 -14.65 -22.74 30.70
N ASP A 1184 -13.38 -23.11 30.84
CA ASP A 1184 -12.33 -22.56 30.00
C ASP A 1184 -12.30 -23.16 28.61
N LEU A 1185 -12.77 -24.39 28.43
CA LEU A 1185 -12.57 -25.10 27.17
C LEU A 1185 -13.84 -25.47 26.44
N MET A 1186 -14.95 -25.69 27.13
CA MET A 1186 -16.18 -26.10 26.46
C MET A 1186 -17.27 -25.04 26.53
N LEU A 1187 -16.96 -23.84 27.01
CA LEU A 1187 -17.87 -22.72 26.96
C LEU A 1187 -17.28 -21.50 26.25
N ILE A 1188 -16.02 -21.19 26.49
CA ILE A 1188 -15.47 -19.93 25.98
C ILE A 1188 -14.89 -20.09 24.59
N LEU A 1189 -14.08 -21.13 24.35
CA LEU A 1189 -13.48 -21.28 23.03
C LEU A 1189 -14.51 -21.57 21.94
N PRO A 1190 -15.46 -22.50 22.11
CA PRO A 1190 -16.47 -22.69 21.04
C PRO A 1190 -17.31 -21.46 20.76
N ILE A 1191 -17.77 -20.75 21.80
CA ILE A 1191 -18.59 -19.57 21.55
C ILE A 1191 -17.76 -18.46 20.93
N ALA A 1192 -16.50 -18.31 21.36
CA ALA A 1192 -15.65 -17.30 20.75
C ALA A 1192 -15.41 -17.59 19.28
N VAL A 1193 -15.20 -18.86 18.94
CA VAL A 1193 -14.96 -19.22 17.54
C VAL A 1193 -16.21 -19.01 16.71
N PHE A 1194 -17.37 -19.43 17.19
CA PHE A 1194 -18.59 -19.33 16.41
C PHE A 1194 -19.20 -17.93 16.40
N MET A 1195 -18.80 -17.05 17.33
CA MET A 1195 -19.23 -15.67 17.28
C MET A 1195 -18.57 -14.90 16.15
N SER A 1196 -17.54 -15.47 15.53
CA SER A 1196 -16.77 -14.82 14.47
C SER A 1196 -16.95 -15.54 13.14
N TRP A 1197 -18.17 -15.96 12.85
CA TRP A 1197 -18.45 -16.79 11.69
C TRP A 1197 -19.29 -16.09 10.62
N ALA A 1198 -20.25 -15.26 11.01
CA ALA A 1198 -21.16 -14.66 10.05
C ALA A 1198 -20.41 -13.73 9.10
N GLY A 1199 -21.01 -13.51 7.94
CA GLY A 1199 -20.40 -12.71 6.91
C GLY A 1199 -20.88 -11.28 6.92
N PRO A 1200 -20.31 -10.45 6.05
CA PRO A 1200 -20.70 -9.04 6.00
C PRO A 1200 -22.01 -8.85 5.25
N HIS A 1201 -22.48 -7.60 5.25
CA HIS A 1201 -23.70 -7.26 4.55
C HIS A 1201 -23.49 -7.39 3.05
N SER A 1202 -24.56 -7.20 2.29
CA SER A 1202 -24.50 -7.28 0.83
C SER A 1202 -24.59 -5.91 0.18
N LYS A 1203 -24.17 -4.86 0.89
CA LYS A 1203 -24.28 -3.49 0.40
C LYS A 1203 -23.44 -2.58 1.28
N LEU A 1204 -22.72 -1.65 0.65
CA LEU A 1204 -21.98 -0.64 1.40
C LEU A 1204 -22.96 0.36 2.02
N CYS A 1205 -22.93 0.46 3.34
CA CYS A 1205 -23.78 1.42 4.04
C CYS A 1205 -23.13 2.80 3.99
N ALA A 1206 -23.66 3.75 4.75
CA ALA A 1206 -23.19 5.13 4.72
C ALA A 1206 -22.47 5.55 5.99
N LYS A 1207 -22.17 4.61 6.89
CA LYS A 1207 -21.59 4.95 8.18
C LYS A 1207 -20.46 3.97 8.52
N ARG A 1208 -19.52 4.46 9.34
CA ARG A 1208 -18.30 3.73 9.70
C ARG A 1208 -18.39 3.20 11.12
N PRO A 1209 -17.72 2.09 11.41
CA PRO A 1209 -17.73 1.53 12.76
C PRO A 1209 -16.71 2.22 13.66
N VAL A 1210 -16.86 1.99 14.96
CA VAL A 1210 -15.86 2.45 15.91
C VAL A 1210 -14.53 1.79 15.59
N SER A 1211 -13.45 2.56 15.67
CA SER A 1211 -12.15 2.09 15.19
C SER A 1211 -11.03 2.33 16.21
N ASP A 1212 -11.38 2.33 17.50
CA ASP A 1212 -10.39 2.50 18.55
C ASP A 1212 -10.92 1.96 19.87
N LEU A 1213 -10.00 1.54 20.74
CA LEU A 1213 -10.34 0.83 21.97
C LEU A 1213 -10.40 1.73 23.20
N VAL A 1214 -9.59 2.79 23.26
CA VAL A 1214 -9.44 3.58 24.47
C VAL A 1214 -10.55 4.62 24.49
N SER A 1215 -11.48 4.50 23.54
CA SER A 1215 -12.57 5.46 23.44
C SER A 1215 -13.49 5.38 24.65
N ARG A 1216 -14.48 6.28 24.66
CA ARG A 1216 -15.45 6.32 25.73
C ARG A 1216 -16.63 5.40 25.43
N LYS A 1217 -17.02 5.32 24.16
CA LYS A 1217 -18.18 4.52 23.77
C LYS A 1217 -17.87 3.03 23.72
N VAL A 1218 -16.61 2.63 23.90
CA VAL A 1218 -16.25 1.23 24.06
C VAL A 1218 -16.06 0.87 25.53
N LEU A 1219 -15.32 1.70 26.27
CA LEU A 1219 -15.05 1.41 27.67
C LEU A 1219 -16.32 1.51 28.52
N VAL A 1220 -17.09 2.59 28.35
CA VAL A 1220 -18.25 2.81 29.23
C VAL A 1220 -19.25 1.66 29.18
N PRO A 1221 -19.61 1.09 28.03
CA PRO A 1221 -20.54 -0.04 28.04
C PRO A 1221 -19.95 -1.34 28.56
N LEU A 1222 -18.64 -1.40 28.81
CA LEU A 1222 -18.01 -2.61 29.32
C LEU A 1222 -18.05 -2.68 30.84
N LEU A 1223 -17.72 -1.56 31.51
CA LEU A 1223 -17.71 -1.56 32.96
C LEU A 1223 -19.11 -1.75 33.53
N SER A 1224 -20.14 -1.29 32.82
CA SER A 1224 -21.50 -1.54 33.26
C SER A 1224 -21.84 -3.02 33.20
N HIS A 1225 -21.41 -3.71 32.15
CA HIS A 1225 -21.61 -5.15 32.07
C HIS A 1225 -20.89 -5.85 33.20
N VAL A 1226 -19.67 -5.42 33.51
CA VAL A 1226 -18.92 -6.02 34.62
C VAL A 1226 -19.68 -5.83 35.93
N PHE A 1227 -20.20 -4.62 36.15
CA PHE A 1227 -20.96 -4.35 37.36
C PHE A 1227 -22.19 -5.23 37.46
N VAL A 1228 -22.91 -5.41 36.35
CA VAL A 1228 -24.11 -6.24 36.38
C VAL A 1228 -23.75 -7.69 36.71
N CYS A 1229 -22.69 -8.21 36.09
CA CYS A 1229 -22.27 -9.59 36.38
C CYS A 1229 -21.93 -9.75 37.85
N VAL A 1230 -21.18 -8.81 38.42
CA VAL A 1230 -20.78 -8.93 39.82
C VAL A 1230 -22.00 -8.85 40.72
N MET A 1231 -22.96 -7.97 40.39
CA MET A 1231 -24.17 -7.87 41.21
C MET A 1231 -24.97 -9.16 41.20
N ILE A 1232 -25.10 -9.78 40.02
CA ILE A 1232 -25.85 -11.03 39.95
C ILE A 1232 -25.18 -12.11 40.78
N GLN A 1233 -23.84 -12.22 40.68
CA GLN A 1233 -23.17 -13.25 41.47
C GLN A 1233 -23.31 -13.00 42.97
N ALA A 1234 -23.18 -11.74 43.39
CA ALA A 1234 -23.35 -11.44 44.81
C ALA A 1234 -24.75 -11.78 45.28
N LEU A 1235 -25.76 -11.48 44.47
CA LEU A 1235 -27.13 -11.82 44.84
C LEU A 1235 -27.32 -13.32 44.98
N ALA A 1236 -26.76 -14.10 44.04
CA ALA A 1236 -26.88 -15.55 44.13
C ALA A 1236 -26.19 -16.09 45.39
N TRP A 1237 -25.01 -15.55 45.70
CA TRP A 1237 -24.28 -15.98 46.89
C TRP A 1237 -25.07 -15.69 48.16
N VAL A 1238 -25.57 -14.47 48.29
CA VAL A 1238 -26.34 -14.11 49.48
C VAL A 1238 -27.59 -14.96 49.57
N ALA A 1239 -28.22 -15.27 48.44
CA ALA A 1239 -29.41 -16.11 48.47
C ALA A 1239 -29.09 -17.52 48.93
N VAL A 1240 -27.97 -18.08 48.48
CA VAL A 1240 -27.66 -19.47 48.86
C VAL A 1240 -27.23 -19.55 50.31
N ARG A 1241 -26.64 -18.49 50.87
CA ARG A 1241 -26.18 -18.58 52.25
C ARG A 1241 -27.30 -18.62 53.27
N GLN A 1242 -28.57 -18.64 52.86
CA GLN A 1242 -29.68 -18.55 53.80
C GLN A 1242 -30.57 -19.79 53.84
N GLN A 1243 -30.31 -20.78 53.00
CA GLN A 1243 -31.17 -21.96 52.95
C GLN A 1243 -30.83 -22.93 54.07
N PRO A 1244 -31.80 -23.76 54.50
CA PRO A 1244 -31.58 -24.61 55.67
C PRO A 1244 -30.77 -25.88 55.41
N TRP A 1245 -30.42 -26.18 54.17
CA TRP A 1245 -29.53 -27.30 53.88
C TRP A 1245 -28.12 -26.85 53.51
N TYR A 1246 -27.79 -25.60 53.83
CA TYR A 1246 -26.50 -25.04 53.46
C TYR A 1246 -25.36 -25.82 54.10
N ILE A 1247 -24.34 -26.13 53.32
CA ILE A 1247 -23.14 -26.82 53.76
C ILE A 1247 -21.99 -25.81 53.74
N PRO A 1248 -21.55 -25.29 54.88
CA PRO A 1248 -20.57 -24.20 54.87
C PRO A 1248 -19.20 -24.69 54.48
N PRO A 1249 -18.33 -23.81 53.97
CA PRO A 1249 -16.99 -24.22 53.60
C PRO A 1249 -16.13 -24.51 54.82
N ILE A 1250 -15.10 -25.31 54.60
CA ILE A 1250 -14.17 -25.73 55.65
C ILE A 1250 -12.76 -25.32 55.24
N VAL A 1251 -12.05 -24.66 56.15
CA VAL A 1251 -10.67 -24.28 55.90
C VAL A 1251 -9.78 -25.50 56.12
N ASP A 1252 -8.93 -25.79 55.14
CA ASP A 1252 -8.09 -27.00 55.17
C ASP A 1252 -6.66 -26.61 54.87
N THR A 1253 -5.73 -27.08 55.70
CA THR A 1253 -4.35 -26.63 55.64
C THR A 1253 -3.58 -27.26 54.48
N GLU A 1254 -3.95 -28.48 54.08
CA GLU A 1254 -3.16 -29.21 53.10
C GLU A 1254 -3.63 -28.99 51.67
N LYS A 1255 -4.94 -28.90 51.45
CA LYS A 1255 -5.47 -28.62 50.13
C LYS A 1255 -6.86 -27.99 50.28
N SER A 1256 -7.30 -27.32 49.22
CA SER A 1256 -8.57 -26.62 49.27
C SER A 1256 -9.73 -27.62 49.27
N ASN A 1257 -10.87 -27.17 49.81
CA ASN A 1257 -12.08 -27.99 49.87
C ASN A 1257 -13.05 -27.53 48.78
N ILE A 1258 -13.61 -28.49 48.05
CA ILE A 1258 -14.40 -28.19 46.87
C ILE A 1258 -15.87 -28.52 47.06
N GLU A 1259 -16.22 -29.47 47.93
CA GLU A 1259 -17.61 -29.88 48.11
C GLU A 1259 -18.27 -28.93 49.12
N ASN A 1260 -18.78 -27.81 48.61
CA ASN A 1260 -19.52 -26.84 49.40
C ASN A 1260 -20.92 -26.69 48.82
N SER A 1261 -21.71 -25.83 49.46
CA SER A 1261 -22.93 -25.31 48.85
C SER A 1261 -22.75 -23.86 48.43
N GLU A 1262 -21.52 -23.35 48.51
CA GLU A 1262 -21.17 -22.01 48.06
C GLU A 1262 -20.28 -22.02 46.84
N ASN A 1263 -19.58 -23.12 46.58
CA ASN A 1263 -18.85 -23.29 45.33
C ASN A 1263 -19.81 -23.57 44.18
N THR A 1264 -20.78 -24.46 44.41
CA THR A 1264 -21.66 -24.91 43.33
C THR A 1264 -22.54 -23.77 42.82
N THR A 1265 -23.07 -22.95 43.72
CA THR A 1265 -23.92 -21.84 43.31
C THR A 1265 -23.18 -20.89 42.40
N LEU A 1266 -21.94 -20.52 42.78
CA LEU A 1266 -21.16 -19.62 41.94
C LEU A 1266 -20.77 -20.29 40.64
N PHE A 1267 -20.52 -21.60 40.66
CA PHE A 1267 -20.22 -22.32 39.42
C PHE A 1267 -21.37 -22.21 38.44
N PHE A 1268 -22.60 -22.42 38.91
CA PHE A 1268 -23.74 -22.40 37.99
C PHE A 1268 -24.10 -20.98 37.57
N ALA A 1269 -23.94 -20.00 38.47
CA ALA A 1269 -24.16 -18.62 38.07
C ALA A 1269 -23.17 -18.20 36.98
N SER A 1270 -21.89 -18.57 37.14
CA SER A 1270 -20.92 -18.27 36.10
C SER A 1270 -21.27 -18.95 34.78
N CYS A 1271 -21.66 -20.22 34.84
CA CYS A 1271 -21.98 -20.93 33.59
C CYS A 1271 -23.17 -20.30 32.89
N PHE A 1272 -24.18 -19.87 33.63
CA PHE A 1272 -25.29 -19.17 33.00
C PHE A 1272 -24.86 -17.81 32.46
N GLU A 1273 -23.88 -17.17 33.09
CA GLU A 1273 -23.50 -15.84 32.63
C GLU A 1273 -22.63 -15.87 31.38
N TYR A 1274 -21.77 -16.87 31.22
CA TYR A 1274 -20.86 -16.87 30.06
C TYR A 1274 -21.63 -16.96 28.74
N ILE A 1275 -22.59 -17.88 28.66
CA ILE A 1275 -23.32 -18.07 27.41
C ILE A 1275 -24.13 -16.83 27.05
N LEU A 1276 -24.87 -16.29 28.02
CA LEU A 1276 -25.70 -15.13 27.73
C LEU A 1276 -24.86 -13.89 27.44
N SER A 1277 -23.69 -13.75 28.08
CA SER A 1277 -22.79 -12.67 27.71
C SER A 1277 -22.27 -12.84 26.31
N GLY A 1278 -22.04 -14.09 25.88
CA GLY A 1278 -21.64 -14.30 24.49
C GLY A 1278 -22.75 -13.97 23.52
N VAL A 1279 -24.00 -14.25 23.89
CA VAL A 1279 -25.12 -13.94 23.00
C VAL A 1279 -25.33 -12.44 22.90
N VAL A 1280 -25.22 -11.72 24.01
CA VAL A 1280 -25.55 -10.29 24.01
C VAL A 1280 -24.51 -9.48 23.25
N LEU A 1281 -23.23 -9.82 23.41
CA LEU A 1281 -22.14 -9.02 22.83
C LEU A 1281 -21.93 -9.29 21.35
N ASN A 1282 -22.88 -9.91 20.66
CA ASN A 1282 -22.70 -10.29 19.28
C ASN A 1282 -22.96 -9.11 18.34
N ALA A 1283 -22.13 -9.00 17.30
CA ALA A 1283 -22.34 -7.98 16.29
C ALA A 1283 -23.43 -8.43 15.33
N GLY A 1284 -24.24 -7.48 14.88
CA GLY A 1284 -25.45 -7.84 14.17
C GLY A 1284 -25.77 -7.11 12.88
N ARG A 1285 -26.95 -6.49 12.86
CA ARG A 1285 -27.57 -6.04 11.63
C ARG A 1285 -26.74 -5.06 10.80
N PRO A 1286 -26.13 -4.00 11.37
CA PRO A 1286 -25.61 -2.93 10.51
C PRO A 1286 -24.51 -3.38 9.55
N PHE A 1287 -23.43 -3.97 10.05
CA PHE A 1287 -22.29 -4.32 9.21
C PHE A 1287 -22.11 -5.81 9.03
N ARG A 1288 -23.07 -6.63 9.45
CA ARG A 1288 -22.94 -8.08 9.34
C ARG A 1288 -24.31 -8.68 9.09
N GLN A 1289 -24.36 -10.00 9.05
CA GLN A 1289 -25.63 -10.70 8.88
C GLN A 1289 -26.30 -10.93 10.23
N SER A 1290 -27.60 -10.70 10.27
CA SER A 1290 -28.33 -10.87 11.52
C SER A 1290 -28.21 -12.31 12.00
N PRO A 1291 -28.13 -12.55 13.31
CA PRO A 1291 -27.86 -13.91 13.80
C PRO A 1291 -28.95 -14.91 13.47
N LEU A 1292 -30.14 -14.46 13.08
CA LEU A 1292 -31.21 -15.40 12.76
C LEU A 1292 -31.00 -16.09 11.42
N GLU A 1293 -30.20 -15.51 10.53
CA GLU A 1293 -29.90 -16.16 9.25
C GLU A 1293 -28.66 -17.04 9.29
N THR A 1294 -27.89 -17.02 10.38
CA THR A 1294 -26.70 -17.85 10.51
C THR A 1294 -26.99 -18.97 11.51
N TRP A 1295 -26.86 -20.21 11.06
CA TRP A 1295 -27.20 -21.38 11.85
C TRP A 1295 -26.10 -21.83 12.84
N PRO A 1296 -24.81 -21.83 12.46
CA PRO A 1296 -23.81 -22.37 13.40
C PRO A 1296 -23.78 -21.69 14.76
N PHE A 1297 -23.90 -20.36 14.81
CA PHE A 1297 -23.83 -19.66 16.08
C PHE A 1297 -24.98 -20.05 17.00
N LEU A 1298 -26.20 -20.03 16.46
CA LEU A 1298 -27.37 -20.39 17.26
C LEU A 1298 -27.31 -21.84 17.68
N SER A 1299 -26.84 -22.72 16.79
CA SER A 1299 -26.74 -24.13 17.15
C SER A 1299 -25.75 -24.34 18.29
N ALA A 1300 -24.59 -23.67 18.23
CA ALA A 1300 -23.60 -23.82 19.29
C ALA A 1300 -24.13 -23.28 20.63
N VAL A 1301 -24.76 -22.11 20.60
CA VAL A 1301 -25.31 -21.57 21.84
C VAL A 1301 -26.37 -22.50 22.41
N ALA A 1302 -27.24 -23.03 21.55
CA ALA A 1302 -28.30 -23.91 22.01
C ALA A 1302 -27.73 -25.20 22.62
N VAL A 1303 -26.73 -25.80 21.97
CA VAL A 1303 -26.21 -27.05 22.49
C VAL A 1303 -25.48 -26.82 23.82
N THR A 1304 -24.73 -25.73 23.94
CA THR A 1304 -24.08 -25.44 25.22
C THR A 1304 -25.10 -25.20 26.32
N LEU A 1305 -26.16 -24.45 26.02
CA LEU A 1305 -27.15 -24.14 27.05
C LEU A 1305 -27.93 -25.39 27.45
N ILE A 1306 -28.25 -26.27 26.50
CA ILE A 1306 -28.94 -27.50 26.86
C ILE A 1306 -28.04 -28.41 27.68
N ALA A 1307 -26.75 -28.47 27.34
CA ALA A 1307 -25.83 -29.27 28.14
C ALA A 1307 -25.77 -28.77 29.58
N THR A 1308 -25.65 -27.45 29.77
CA THR A 1308 -25.61 -26.92 31.12
C THR A 1308 -26.91 -27.15 31.87
N LEU A 1309 -28.04 -26.94 31.20
CA LEU A 1309 -29.34 -27.11 31.87
C LEU A 1309 -29.57 -28.57 32.28
N LEU A 1310 -29.17 -29.52 31.43
CA LEU A 1310 -29.31 -30.92 31.81
C LEU A 1310 -28.33 -31.31 32.90
N MET A 1311 -27.12 -30.74 32.90
CA MET A 1311 -26.19 -31.00 33.99
C MET A 1311 -26.69 -30.41 35.31
N LEU A 1312 -27.52 -29.38 35.24
CA LEU A 1312 -28.08 -28.79 36.46
C LEU A 1312 -29.28 -29.56 36.95
N LEU A 1313 -30.29 -29.76 36.10
CA LEU A 1313 -31.57 -30.31 36.56
C LEU A 1313 -31.43 -31.78 36.94
N VAL A 1314 -31.07 -32.64 36.00
CA VAL A 1314 -31.01 -34.08 36.25
C VAL A 1314 -29.65 -34.63 35.84
N PRO A 1315 -28.66 -34.60 36.72
CA PRO A 1315 -27.33 -35.09 36.36
C PRO A 1315 -27.17 -36.55 36.69
N PRO A 1316 -26.49 -37.32 35.84
CA PRO A 1316 -26.15 -38.70 36.19
C PRO A 1316 -25.10 -38.73 37.29
N TYR A 1317 -24.99 -39.90 37.94
CA TYR A 1317 -24.16 -39.99 39.13
C TYR A 1317 -22.69 -39.76 38.83
N TRP A 1318 -22.22 -40.24 37.66
CA TRP A 1318 -20.81 -40.07 37.34
C TRP A 1318 -20.46 -38.59 37.19
N LEU A 1319 -21.37 -37.80 36.62
CA LEU A 1319 -21.16 -36.35 36.60
C LEU A 1319 -21.19 -35.77 38.01
N PHE A 1320 -22.09 -36.26 38.86
CA PHE A 1320 -22.21 -35.73 40.20
C PHE A 1320 -20.93 -35.94 41.00
N GLU A 1321 -20.33 -37.13 40.89
CA GLU A 1321 -19.08 -37.43 41.59
C GLU A 1321 -17.85 -37.07 40.77
N PHE A 1322 -18.03 -36.53 39.57
CA PHE A 1322 -16.92 -36.18 38.70
C PHE A 1322 -16.62 -34.69 38.66
N MET A 1323 -17.65 -33.86 38.79
CA MET A 1323 -17.47 -32.41 38.84
C MET A 1323 -17.61 -31.85 40.25
N GLN A 1324 -17.73 -32.72 41.26
CA GLN A 1324 -17.73 -32.32 42.67
C GLN A 1324 -18.85 -31.32 42.97
N LEU A 1325 -20.08 -31.80 42.80
CA LEU A 1325 -21.25 -31.00 43.13
C LEU A 1325 -21.84 -31.46 44.46
N THR A 1326 -22.83 -30.72 44.95
CA THR A 1326 -23.54 -31.06 46.18
C THR A 1326 -25.03 -30.88 45.96
N TRP A 1327 -25.81 -31.41 46.91
CA TRP A 1327 -27.25 -31.45 46.77
C TRP A 1327 -27.86 -30.06 46.88
N MET A 1328 -28.91 -29.82 46.09
CA MET A 1328 -29.75 -28.64 46.22
C MET A 1328 -31.20 -29.06 46.07
N SER A 1329 -32.09 -28.43 46.84
CA SER A 1329 -33.51 -28.69 46.70
C SER A 1329 -33.99 -28.25 45.32
N TRP A 1330 -35.04 -28.89 44.84
CA TRP A 1330 -35.53 -28.59 43.49
C TRP A 1330 -36.16 -27.21 43.40
N THR A 1331 -36.45 -26.58 44.54
CA THR A 1331 -36.99 -25.23 44.56
C THR A 1331 -35.92 -24.18 44.34
N PHE A 1332 -34.65 -24.52 44.55
CA PHE A 1332 -33.55 -23.56 44.43
C PHE A 1332 -32.94 -23.55 43.05
N LYS A 1333 -32.95 -24.67 42.34
CA LYS A 1333 -32.47 -24.67 40.96
C LYS A 1333 -33.30 -23.74 40.10
N ILE A 1334 -34.61 -23.68 40.35
CA ILE A 1334 -35.47 -22.77 39.61
C ILE A 1334 -35.09 -21.31 39.91
N THR A 1335 -34.71 -21.03 41.16
CA THR A 1335 -34.26 -19.68 41.49
C THR A 1335 -32.96 -19.34 40.78
N LEU A 1336 -32.04 -20.30 40.68
CA LEU A 1336 -30.82 -20.08 39.92
C LEU A 1336 -31.14 -19.77 38.45
N ILE A 1337 -32.07 -20.54 37.86
CA ILE A 1337 -32.48 -20.28 36.50
C ILE A 1337 -33.11 -18.90 36.38
N ALA A 1338 -33.86 -18.47 37.39
CA ALA A 1338 -34.46 -17.14 37.37
C ALA A 1338 -33.40 -16.05 37.36
N PHE A 1339 -32.38 -16.17 38.20
CA PHE A 1339 -31.29 -15.20 38.17
C PHE A 1339 -30.60 -15.18 36.81
N GLY A 1340 -30.30 -16.37 36.28
CA GLY A 1340 -29.67 -16.43 34.96
C GLY A 1340 -30.51 -15.77 33.89
N PHE A 1341 -31.82 -15.99 33.94
CA PHE A 1341 -32.71 -15.38 32.96
C PHE A 1341 -32.73 -13.86 33.09
N VAL A 1342 -32.99 -13.34 34.30
CA VAL A 1342 -33.08 -11.89 34.47
C VAL A 1342 -31.77 -11.20 34.13
N TYR A 1343 -30.63 -11.90 34.26
CA TYR A 1343 -29.38 -11.31 33.80
C TYR A 1343 -29.42 -11.03 32.31
N PHE A 1344 -30.05 -11.91 31.53
CA PHE A 1344 -30.13 -11.69 30.09
C PHE A 1344 -30.91 -10.42 29.79
N LEU A 1345 -32.05 -10.23 30.44
CA LEU A 1345 -32.84 -9.02 30.19
C LEU A 1345 -32.06 -7.77 30.57
N ILE A 1346 -31.39 -7.79 31.73
CA ILE A 1346 -30.63 -6.61 32.15
C ILE A 1346 -29.51 -6.31 31.18
N ALA A 1347 -28.77 -7.34 30.76
CA ALA A 1347 -27.64 -7.13 29.86
C ALA A 1347 -28.11 -6.64 28.50
N TRP A 1348 -29.19 -7.21 27.97
CA TRP A 1348 -29.69 -6.79 26.66
C TRP A 1348 -30.15 -5.34 26.69
N THR A 1349 -31.00 -5.00 27.67
CA THR A 1349 -31.50 -3.64 27.79
C THR A 1349 -30.36 -2.65 27.98
N GLY A 1350 -29.37 -3.01 28.79
CA GLY A 1350 -28.23 -2.13 28.96
C GLY A 1350 -27.44 -1.94 27.67
N GLU A 1351 -27.21 -3.04 26.94
CA GLU A 1351 -26.34 -2.99 25.78
C GLU A 1351 -26.97 -2.21 24.64
N HIS A 1352 -28.29 -2.26 24.51
CA HIS A 1352 -28.92 -1.53 23.39
C HIS A 1352 -29.38 -0.13 23.75
N TYR A 1353 -29.86 0.11 24.98
CA TYR A 1353 -30.52 1.37 25.30
C TYR A 1353 -29.76 2.22 26.31
N LEU A 1354 -29.44 1.68 27.48
CA LEU A 1354 -29.03 2.55 28.59
C LEU A 1354 -27.55 2.88 28.56
N PHE A 1355 -26.70 1.95 28.13
CA PHE A 1355 -25.26 2.13 28.30
C PHE A 1355 -24.72 3.22 27.36
N LEU A 1356 -25.22 3.27 26.13
CA LEU A 1356 -24.82 4.34 25.22
C LEU A 1356 -25.31 5.69 25.72
N TRP A 1357 -26.51 5.73 26.29
CA TRP A 1357 -27.01 6.97 26.88
C TRP A 1357 -26.11 7.43 28.02
N LEU A 1358 -25.67 6.49 28.87
CA LEU A 1358 -24.75 6.85 29.94
C LEU A 1358 -23.41 7.35 29.38
N ALA A 1359 -22.94 6.74 28.29
CA ALA A 1359 -21.71 7.19 27.68
C ALA A 1359 -21.83 8.62 27.18
N ARG A 1360 -22.93 8.93 26.50
CA ARG A 1360 -23.13 10.31 26.02
C ARG A 1360 -23.27 11.28 27.18
N PHE A 1361 -23.94 10.86 28.26
CA PHE A 1361 -24.09 11.71 29.43
C PHE A 1361 -22.74 12.05 30.04
N LEU A 1362 -21.90 11.03 30.22
CA LEU A 1362 -20.57 11.26 30.78
C LEU A 1362 -19.73 12.13 29.86
N GLY A 1363 -19.84 11.91 28.54
CA GLY A 1363 -19.09 12.74 27.61
C GLY A 1363 -19.49 14.19 27.66
N ARG A 1364 -20.81 14.46 27.69
CA ARG A 1364 -21.27 15.84 27.77
C ARG A 1364 -20.85 16.48 29.08
N MET A 1365 -20.93 15.75 30.20
CA MET A 1365 -20.49 16.31 31.47
C MET A 1365 -18.99 16.63 31.45
N ARG A 1366 -18.18 15.72 30.92
CA ARG A 1366 -16.75 15.98 30.82
C ARG A 1366 -16.46 17.20 29.96
N GLN A 1367 -17.14 17.31 28.81
CA GLN A 1367 -16.92 18.45 27.94
C GLN A 1367 -17.33 19.76 28.61
N ARG A 1368 -18.47 19.76 29.28
CA ARG A 1368 -18.98 20.99 29.89
C ARG A 1368 -18.24 21.37 31.17
N LEU A 1369 -17.53 20.42 31.78
CA LEU A 1369 -16.86 20.72 33.03
C LEU A 1369 -15.36 20.96 32.88
N PHE A 1370 -14.66 20.18 32.06
CA PHE A 1370 -13.20 20.27 32.02
C PHE A 1370 -12.68 21.26 30.97
N LYS A 1371 -13.55 21.75 30.09
CA LYS A 1371 -13.22 22.85 29.17
C LYS A 1371 -11.96 22.55 28.35
N GLN A 1372 -11.82 21.30 27.92
CA GLN A 1372 -10.75 20.95 26.99
C GLN A 1372 -11.34 20.70 25.61
N PRO A 1373 -10.80 21.35 24.57
CA PRO A 1373 -11.42 21.23 23.24
C PRO A 1373 -11.34 19.81 22.69
N LYS A 1374 -12.32 19.47 21.86
CA LYS A 1374 -12.39 18.17 21.22
C LYS A 1374 -11.67 18.24 19.88
N GLN A 1375 -10.60 17.47 19.73
CA GLN A 1375 -9.86 17.46 18.49
C GLN A 1375 -10.70 16.90 17.36
N ARG A 1376 -10.53 17.46 16.16
CA ARG A 1376 -11.24 17.01 14.98
C ARG A 1376 -10.24 16.75 13.86
N LYS A 1377 -10.65 15.89 12.93
CA LYS A 1377 -9.80 15.58 11.78
C LYS A 1377 -9.61 16.82 10.93
N LEU A 1378 -8.38 17.04 10.46
CA LEU A 1378 -8.04 18.28 9.79
C LEU A 1378 -8.90 18.53 8.56
N TYR A 1379 -9.02 17.53 7.69
CA TYR A 1379 -9.71 17.77 6.41
C TYR A 1379 -11.15 18.19 6.63
N LYS A 1380 -11.79 17.71 7.70
CA LYS A 1380 -13.11 18.22 8.04
C LYS A 1380 -13.06 19.72 8.29
N ILE A 1381 -12.09 20.17 9.08
CA ILE A 1381 -11.97 21.58 9.41
C ILE A 1381 -11.74 22.41 8.17
N VAL A 1382 -10.86 21.94 7.28
CA VAL A 1382 -10.55 22.69 6.07
C VAL A 1382 -11.77 22.75 5.16
N LYS A 1383 -12.53 21.65 5.05
CA LYS A 1383 -13.72 21.68 4.22
C LYS A 1383 -14.76 22.65 4.76
N GLU A 1384 -14.96 22.67 6.08
CA GLU A 1384 -15.92 23.62 6.64
C GLU A 1384 -15.47 25.06 6.42
N LYS A 1385 -14.18 25.33 6.63
CA LYS A 1385 -13.66 26.67 6.37
C LYS A 1385 -13.91 27.08 4.92
N LEU A 1386 -13.62 26.16 4.00
CA LEU A 1386 -13.77 26.46 2.58
C LEU A 1386 -15.22 26.76 2.23
N VAL A 1387 -16.15 25.89 2.64
CA VAL A 1387 -17.54 26.10 2.26
C VAL A 1387 -18.10 27.39 2.88
N PHE A 1388 -17.80 27.62 4.16
CA PHE A 1388 -18.32 28.83 4.81
C PHE A 1388 -17.76 30.09 4.16
N GLU A 1389 -16.45 30.12 3.91
CA GLU A 1389 -15.85 31.32 3.35
C GLU A 1389 -16.31 31.53 1.91
N ASN A 1390 -16.50 30.46 1.15
CA ASN A 1390 -17.05 30.59 -0.20
C ASN A 1390 -18.45 31.16 -0.17
N LEU A 1391 -19.28 30.70 0.79
CA LEU A 1391 -20.60 31.28 0.95
C LEU A 1391 -20.52 32.75 1.37
N TYR A 1392 -19.45 33.13 2.05
CA TYR A 1392 -19.31 34.52 2.49
C TYR A 1392 -19.19 35.47 1.30
N PHE A 1393 -18.47 35.06 0.26
CA PHE A 1393 -18.32 35.90 -0.93
C PHE A 1393 -19.66 36.10 -1.64
MG MG B . -1.46 0.92 -14.47
AL ALF C . -0.67 3.38 -14.71
F1 ALF C . -1.26 4.70 -15.77
F2 ALF C . -0.09 2.08 -13.65
F3 ALF C . -1.29 2.16 -15.84
F4 ALF C . -0.07 4.61 -13.57
N1 SPM D . -4.62 -31.57 42.31
C2 SPM D . -4.89 -30.16 42.49
C3 SPM D . -5.31 -29.55 41.16
C4 SPM D . -5.69 -28.08 41.34
N5 SPM D . -6.31 -27.54 40.15
C6 SPM D . -6.55 -26.11 40.08
C7 SPM D . -5.50 -25.39 39.25
C8 SPM D . -6.10 -24.82 37.98
C9 SPM D . -6.70 -23.45 38.22
N10 SPM D . -6.15 -22.46 37.32
C11 SPM D . -6.93 -22.00 36.19
C12 SPM D . -6.96 -20.48 36.11
C13 SPM D . -7.78 -20.00 34.93
N14 SPM D . -7.24 -20.59 33.71
#